data_8ZLB
#
_entry.id   8ZLB
#
_cell.length_a   1.00
_cell.length_b   1.00
_cell.length_c   1.00
_cell.angle_alpha   90.00
_cell.angle_beta   90.00
_cell.angle_gamma   90.00
#
_symmetry.space_group_name_H-M   'P 1'
#
loop_
_entity.id
_entity.type
_entity.pdbx_description
1 polymer 'Proton-activated chloride channel'
2 non-polymer '4-azanyl-6-[[4-[4-[(~{E})-(8-azanyl-1-oxidanyl-5,7-disulfo-naphthalen-2-yl)diazenyl]-3-methyl-phenyl]-2-methyl-phenyl]diazenyl]-5-oxidanyl-naphthalene-1,3-disulfonic acid'
#
_entity_poly.entity_id   1
_entity_poly.type   'polypeptide(L)'
_entity_poly.pdbx_seq_one_letter_code
;MDYKDDDDKWSHPQFEKGGGGSGGSAWSHPQFEKEFKGLVDMIRQERSTSYQELSEELVQVVENSELADEQDKETVRVQG
PGILPGLDSESASSSIRFSKACLKNVFSVLLIFIYLLLMAVAVFLVYRTITDFREKLKHPVMSVSYKEVDRYDAPGIALY
PGQAQLLSCKHHYEVIPPLTSPGQPGDMNCTTQRINYTDPFSNQTVKSALIVQGPREVKKRELVFLQFRLNKSSEDFSAI
DYLLFSSFQEFLQSPNRVGFMQACESAYSSWKFSGGFRTWVKMSLVKTKEEDGREAVEFRQETSVVNYIDQRPAAKKSAQ
LFFVVFEWKDPFIQKVQDIVTANPWNTIALLCGAFLALFKAAEFAKLSIKWMIKIRKRYLKRRGQATSHIS
;
_entity_poly.pdbx_strand_id   A,B,C
#
# COMPACT_ATOMS: atom_id res chain seq x y z
N VAL A 106 -31.25 22.42 56.40
CA VAL A 106 -30.10 22.92 55.64
C VAL A 106 -29.51 21.79 54.80
N PHE A 107 -30.37 20.88 54.34
CA PHE A 107 -29.96 19.68 53.61
C PHE A 107 -30.25 19.77 52.11
N SER A 108 -30.89 20.84 51.65
CA SER A 108 -31.16 20.98 50.22
C SER A 108 -29.87 21.00 49.42
N VAL A 109 -28.78 21.52 49.99
CA VAL A 109 -27.50 21.48 49.29
C VAL A 109 -27.01 20.04 49.19
N LEU A 110 -27.26 19.23 50.22
CA LEU A 110 -26.92 17.81 50.13
C LEU A 110 -27.70 17.13 49.01
N LEU A 111 -28.99 17.48 48.86
CA LEU A 111 -29.76 16.91 47.77
C LEU A 111 -29.25 17.38 46.41
N ILE A 112 -28.81 18.64 46.32
CA ILE A 112 -28.35 19.21 45.05
C ILE A 112 -26.90 18.88 44.74
N PHE A 113 -26.16 18.27 45.67
CA PHE A 113 -24.79 17.88 45.40
C PHE A 113 -24.71 16.94 44.20
N ILE A 114 -25.53 15.88 44.21
CA ILE A 114 -25.53 14.96 43.09
C ILE A 114 -26.02 15.65 41.83
N TYR A 115 -26.91 16.63 41.97
CA TYR A 115 -27.38 17.40 40.82
C TYR A 115 -26.21 18.13 40.15
N LEU A 116 -25.41 18.82 40.96
CA LEU A 116 -24.27 19.56 40.41
C LEU A 116 -23.24 18.62 39.81
N LEU A 117 -22.98 17.49 40.47
CA LEU A 117 -22.08 16.50 39.87
C LEU A 117 -22.61 16.01 38.53
N LEU A 118 -23.93 15.81 38.44
CA LEU A 118 -24.55 15.38 37.20
C LEU A 118 -24.36 16.42 36.10
N MET A 119 -24.52 17.70 36.45
CA MET A 119 -24.31 18.75 35.45
C MET A 119 -22.85 18.81 35.01
N ALA A 120 -21.92 18.59 35.93
CA ALA A 120 -20.53 18.49 35.54
C ALA A 120 -20.32 17.34 34.57
N VAL A 121 -20.97 16.21 34.83
CA VAL A 121 -20.88 15.06 33.92
C VAL A 121 -21.42 15.44 32.55
N ALA A 122 -22.54 16.15 32.51
CA ALA A 122 -23.14 16.55 31.24
C ALA A 122 -22.20 17.46 30.46
N VAL A 123 -21.59 18.43 31.15
CA VAL A 123 -20.65 19.33 30.47
C VAL A 123 -19.48 18.55 29.91
N PHE A 124 -18.93 17.62 30.70
CA PHE A 124 -17.83 16.81 30.21
C PHE A 124 -18.24 15.99 28.99
N LEU A 125 -19.44 15.41 29.03
CA LEU A 125 -19.90 14.61 27.91
C LEU A 125 -20.05 15.45 26.66
N VAL A 126 -20.61 16.65 26.78
CA VAL A 126 -20.80 17.50 25.62
C VAL A 126 -19.45 17.89 25.02
N TYR A 127 -18.50 18.30 25.88
CA TYR A 127 -17.19 18.69 25.38
C TYR A 127 -16.51 17.52 24.68
N ARG A 128 -16.55 16.33 25.31
CA ARG A 128 -15.91 15.17 24.70
C ARG A 128 -16.54 14.81 23.37
N THR A 129 -17.87 14.85 23.29
CA THR A 129 -18.55 14.49 22.05
C THR A 129 -18.23 15.47 20.94
N ILE A 130 -18.24 16.77 21.23
CA ILE A 130 -17.94 17.75 20.20
C ILE A 130 -16.49 17.63 19.75
N THR A 131 -15.57 17.39 20.69
CA THR A 131 -14.18 17.20 20.31
C THR A 131 -14.02 15.96 19.42
N ASP A 132 -14.71 14.87 19.77
CA ASP A 132 -14.63 13.65 18.97
C ASP A 132 -15.15 13.89 17.56
N PHE A 133 -16.30 14.57 17.44
CA PHE A 133 -16.84 14.84 16.12
C PHE A 133 -15.90 15.71 15.30
N ARG A 134 -15.35 16.75 15.92
CA ARG A 134 -14.42 17.63 15.19
C ARG A 134 -13.20 16.84 14.72
N GLU A 135 -12.63 16.00 15.58
CA GLU A 135 -11.48 15.21 15.18
C GLU A 135 -11.84 14.25 14.06
N LYS A 136 -13.02 13.62 14.14
CA LYS A 136 -13.41 12.63 13.14
C LYS A 136 -13.68 13.27 11.78
N LEU A 137 -14.23 14.47 11.74
CA LEU A 137 -14.53 15.12 10.47
C LEU A 137 -13.29 15.45 9.66
N LYS A 138 -12.10 15.40 10.26
CA LYS A 138 -10.86 15.74 9.58
C LYS A 138 -9.95 14.54 9.36
N HIS A 139 -10.38 13.33 9.73
CA HIS A 139 -9.56 12.12 9.61
C HIS A 139 -10.40 11.02 8.96
N PRO A 140 -10.70 11.14 7.67
CA PRO A 140 -11.46 10.08 7.00
C PRO A 140 -10.67 8.78 6.96
N VAL A 141 -11.40 7.67 6.92
CA VAL A 141 -10.81 6.34 6.96
C VAL A 141 -10.74 5.78 5.55
N MET A 142 -9.82 4.84 5.33
CA MET A 142 -9.58 4.24 4.03
C MET A 142 -10.08 2.81 4.01
N SER A 143 -10.66 2.41 2.89
CA SER A 143 -11.12 1.03 2.69
C SER A 143 -10.72 0.56 1.30
N VAL A 144 -10.56 -0.75 1.16
CA VAL A 144 -10.12 -1.36 -0.09
C VAL A 144 -11.07 -2.49 -0.45
N SER A 145 -11.38 -2.61 -1.74
CA SER A 145 -12.26 -3.64 -2.26
C SER A 145 -11.69 -4.23 -3.53
N TYR A 146 -12.04 -5.49 -3.79
CA TYR A 146 -11.56 -6.23 -4.94
C TYR A 146 -12.72 -6.91 -5.64
N LYS A 147 -12.47 -7.36 -6.88
CA LYS A 147 -13.48 -8.05 -7.66
C LYS A 147 -12.79 -8.95 -8.67
N GLU A 148 -13.57 -9.88 -9.23
CA GLU A 148 -13.11 -10.74 -10.30
C GLU A 148 -13.72 -10.25 -11.61
N VAL A 149 -12.86 -9.97 -12.60
CA VAL A 149 -13.27 -9.40 -13.87
C VAL A 149 -12.89 -10.37 -14.97
N ASP A 150 -13.86 -10.75 -15.80
CA ASP A 150 -13.62 -11.77 -16.83
C ASP A 150 -12.94 -11.21 -18.07
N ARG A 151 -12.94 -9.90 -18.26
CA ARG A 151 -12.32 -9.31 -19.46
C ARG A 151 -12.05 -7.85 -19.19
N TYR A 152 -10.77 -7.45 -19.21
CA TYR A 152 -10.42 -6.06 -19.01
C TYR A 152 -10.80 -5.23 -20.25
N ASP A 153 -10.94 -3.93 -20.03
CA ASP A 153 -11.15 -2.99 -21.11
C ASP A 153 -9.82 -2.64 -21.74
N ALA A 154 -9.78 -2.62 -23.08
CA ALA A 154 -8.54 -2.40 -23.81
C ALA A 154 -7.80 -1.20 -23.25
N PRO A 155 -6.68 -1.39 -22.57
CA PRO A 155 -5.96 -0.25 -22.01
C PRO A 155 -5.23 0.55 -23.07
N GLY A 156 -4.85 1.76 -22.70
CA GLY A 156 -4.16 2.64 -23.63
C GLY A 156 -2.66 2.42 -23.62
N ILE A 157 -2.04 2.72 -24.76
CA ILE A 157 -0.60 2.66 -24.93
C ILE A 157 -0.17 3.95 -25.63
N ALA A 158 0.86 4.60 -25.11
CA ALA A 158 1.24 5.93 -25.58
C ALA A 158 2.76 6.01 -25.77
N LEU A 159 3.32 5.04 -26.49
CA LEU A 159 4.75 5.06 -26.76
C LEU A 159 5.14 6.33 -27.52
N TYR A 160 6.27 6.92 -27.11
CA TYR A 160 6.78 8.14 -27.75
C TYR A 160 8.11 7.84 -28.42
N PRO A 161 8.15 7.04 -29.49
CA PRO A 161 9.44 6.74 -30.13
C PRO A 161 10.25 7.98 -30.50
N GLY A 162 9.64 8.90 -31.24
CA GLY A 162 10.34 10.11 -31.64
C GLY A 162 11.17 9.93 -32.89
N GLN A 163 12.27 9.18 -32.77
CA GLN A 163 13.17 8.95 -33.91
C GLN A 163 13.47 7.47 -34.09
N ALA A 164 12.58 6.58 -33.68
CA ALA A 164 12.76 5.14 -33.83
C ALA A 164 11.50 4.56 -34.45
N GLN A 165 11.68 3.79 -35.52
CA GLN A 165 10.54 3.19 -36.22
C GLN A 165 10.15 1.86 -35.58
N LEU A 166 8.98 1.37 -35.98
CA LEU A 166 8.40 0.14 -35.43
C LEU A 166 8.66 -1.01 -36.39
N LEU A 167 9.14 -2.12 -35.85
CA LEU A 167 9.48 -3.30 -36.65
C LEU A 167 8.49 -4.44 -36.50
N SER A 168 8.00 -4.69 -35.28
CA SER A 168 7.05 -5.76 -35.07
C SER A 168 6.24 -5.48 -33.81
N CYS A 169 4.94 -5.80 -33.88
CA CYS A 169 4.03 -5.64 -32.75
C CYS A 169 3.01 -6.77 -32.86
N LYS A 170 3.17 -7.80 -32.03
CA LYS A 170 2.36 -9.01 -32.10
C LYS A 170 1.44 -9.07 -30.90
N HIS A 171 0.18 -9.45 -31.14
CA HIS A 171 -0.81 -9.69 -30.09
C HIS A 171 -0.86 -11.18 -29.79
N HIS A 172 0.08 -11.63 -28.97
CA HIS A 172 0.16 -13.05 -28.65
C HIS A 172 -0.88 -13.42 -27.60
N TYR A 173 -1.27 -14.69 -27.60
CA TYR A 173 -2.22 -15.21 -26.63
C TYR A 173 -1.61 -16.26 -25.71
N GLU A 174 -0.33 -16.57 -25.87
CA GLU A 174 0.36 -17.54 -25.05
C GLU A 174 1.29 -16.81 -24.07
N VAL A 175 1.32 -17.30 -22.83
CA VAL A 175 2.11 -16.63 -21.80
C VAL A 175 3.60 -16.59 -22.14
N ILE A 176 4.03 -17.40 -23.11
CA ILE A 176 5.43 -17.47 -23.52
C ILE A 176 5.50 -17.06 -24.99
N PRO A 177 6.04 -15.88 -25.33
CA PRO A 177 6.20 -15.53 -26.73
C PRO A 177 7.21 -16.45 -27.39
N PRO A 178 7.04 -16.75 -28.69
CA PRO A 178 7.94 -17.69 -29.35
C PRO A 178 9.27 -17.07 -29.73
N LEU A 179 10.12 -17.84 -30.41
CA LEU A 179 11.40 -17.35 -30.85
C LEU A 179 11.24 -16.21 -31.85
N THR A 180 12.17 -15.25 -31.79
CA THR A 180 12.13 -14.09 -32.67
C THR A 180 13.50 -13.88 -33.29
N SER A 181 13.51 -13.50 -34.58
CA SER A 181 14.77 -13.19 -35.25
C SER A 181 15.18 -11.75 -34.93
N PRO A 182 16.48 -11.44 -34.99
CA PRO A 182 16.92 -10.07 -34.69
C PRO A 182 16.65 -9.15 -35.87
N GLY A 183 16.20 -7.93 -35.57
CA GLY A 183 15.85 -7.00 -36.63
C GLY A 183 14.78 -7.58 -37.53
N GLN A 184 14.98 -7.45 -38.84
CA GLN A 184 14.06 -8.02 -39.82
C GLN A 184 12.63 -7.55 -39.55
N PRO A 185 12.31 -6.29 -39.81
CA PRO A 185 10.95 -5.81 -39.51
C PRO A 185 9.88 -6.59 -40.25
N GLY A 186 8.75 -6.76 -39.59
CA GLY A 186 7.62 -7.45 -40.21
C GLY A 186 6.58 -7.80 -39.17
N ASP A 187 5.53 -8.47 -39.65
CA ASP A 187 4.47 -9.00 -38.79
C ASP A 187 3.81 -7.89 -37.97
N MET A 188 3.17 -6.97 -38.68
CA MET A 188 2.40 -5.89 -38.04
C MET A 188 0.96 -6.35 -37.88
N ASN A 189 0.56 -6.63 -36.64
CA ASN A 189 -0.80 -7.06 -36.32
C ASN A 189 -1.35 -6.25 -35.15
N CYS A 190 -1.07 -4.95 -35.14
CA CYS A 190 -1.49 -4.06 -34.08
C CYS A 190 -2.23 -2.87 -34.68
N THR A 191 -3.07 -2.24 -33.84
CA THR A 191 -3.79 -1.04 -34.23
C THR A 191 -3.04 0.18 -33.71
N THR A 192 -2.74 1.12 -34.59
CA THR A 192 -1.93 2.27 -34.27
C THR A 192 -2.60 3.55 -34.74
N GLN A 193 -2.41 4.64 -33.99
CA GLN A 193 -2.90 5.95 -34.40
C GLN A 193 -1.90 7.00 -33.97
N ARG A 194 -1.39 7.78 -34.92
CA ARG A 194 -0.38 8.79 -34.64
C ARG A 194 -1.04 10.15 -34.45
N ILE A 195 -0.73 10.79 -33.33
CA ILE A 195 -1.33 12.08 -32.96
C ILE A 195 -0.22 13.04 -32.54
N ASN A 196 -0.37 14.30 -32.95
CA ASN A 196 0.53 15.38 -32.59
C ASN A 196 -0.21 16.38 -31.72
N TYR A 197 0.43 16.83 -30.64
CA TYR A 197 -0.24 17.70 -29.68
C TYR A 197 0.79 18.54 -28.95
N THR A 198 0.48 19.82 -28.78
CA THR A 198 1.37 20.73 -28.06
C THR A 198 1.41 20.35 -26.59
N ASP A 199 2.62 20.24 -26.05
CA ASP A 199 2.83 19.83 -24.67
C ASP A 199 1.92 20.64 -23.76
N PRO A 200 1.45 20.07 -22.64
CA PRO A 200 0.65 20.85 -21.68
C PRO A 200 1.47 21.53 -20.59
N PHE A 201 2.80 21.52 -20.69
CA PHE A 201 3.67 22.09 -19.67
C PHE A 201 4.49 23.26 -20.17
N SER A 202 5.02 23.19 -21.40
CA SER A 202 5.86 24.23 -21.94
C SER A 202 5.24 24.99 -23.10
N ASN A 203 4.30 24.39 -23.82
CA ASN A 203 3.67 25.02 -24.98
C ASN A 203 4.73 25.50 -25.98
N GLN A 204 5.87 24.81 -26.00
CA GLN A 204 6.96 25.15 -26.90
C GLN A 204 7.25 24.00 -27.87
N THR A 205 7.36 22.80 -27.33
CA THR A 205 7.65 21.61 -28.13
C THR A 205 6.39 20.75 -28.29
N VAL A 206 6.36 20.00 -29.39
CA VAL A 206 5.26 19.11 -29.72
C VAL A 206 5.80 17.70 -29.80
N LYS A 207 5.23 16.79 -29.01
CA LYS A 207 5.69 15.41 -28.92
C LYS A 207 4.77 14.53 -29.75
N SER A 208 5.27 14.05 -30.88
CA SER A 208 4.50 13.12 -31.70
C SER A 208 4.37 11.79 -30.97
N ALA A 209 3.14 11.29 -30.88
CA ALA A 209 2.86 10.06 -30.14
C ALA A 209 2.12 9.08 -31.03
N LEU A 210 2.27 7.79 -30.74
CA LEU A 210 1.50 6.74 -31.38
C LEU A 210 0.76 5.94 -30.32
N ILE A 211 -0.49 5.63 -30.62
CA ILE A 211 -1.40 4.98 -29.67
C ILE A 211 -1.67 3.57 -30.16
N VAL A 212 -1.56 2.60 -29.25
CA VAL A 212 -1.71 1.19 -29.56
C VAL A 212 -2.76 0.59 -28.64
N GLN A 213 -3.37 -0.50 -29.10
CA GLN A 213 -4.39 -1.21 -28.34
C GLN A 213 -3.77 -2.30 -27.49
N GLY A 214 -3.98 -2.24 -26.19
CA GLY A 214 -3.37 -3.17 -25.28
C GLY A 214 -4.16 -4.45 -25.11
N PRO A 215 -3.58 -5.42 -24.40
CA PRO A 215 -4.28 -6.69 -24.18
C PRO A 215 -5.60 -6.50 -23.47
N ARG A 216 -6.58 -7.34 -23.81
CA ARG A 216 -7.90 -7.31 -23.22
C ARG A 216 -8.19 -8.53 -22.36
N GLU A 217 -7.92 -9.74 -22.87
CA GLU A 217 -8.25 -10.97 -22.15
C GLU A 217 -7.17 -11.27 -21.13
N VAL A 218 -7.50 -11.12 -19.85
CA VAL A 218 -6.56 -11.54 -18.81
C VAL A 218 -6.57 -13.05 -18.66
N LYS A 219 -7.75 -13.68 -18.76
CA LYS A 219 -7.85 -15.12 -18.54
C LYS A 219 -7.01 -15.89 -19.55
N LYS A 220 -7.09 -15.52 -20.83
CA LYS A 220 -6.21 -16.10 -21.83
C LYS A 220 -4.79 -15.54 -21.73
N ARG A 221 -4.58 -14.51 -20.91
CA ARG A 221 -3.25 -13.95 -20.65
C ARG A 221 -2.56 -13.56 -21.96
N GLU A 222 -3.30 -12.86 -22.80
CA GLU A 222 -2.75 -12.38 -24.05
C GLU A 222 -1.80 -11.22 -23.76
N LEU A 223 -0.62 -11.26 -24.37
CA LEU A 223 0.38 -10.22 -24.24
C LEU A 223 0.48 -9.45 -25.55
N VAL A 224 1.05 -8.25 -25.48
CA VAL A 224 1.45 -7.53 -26.68
C VAL A 224 2.96 -7.36 -26.62
N PHE A 225 3.65 -7.93 -27.61
CA PHE A 225 5.11 -7.94 -27.66
C PHE A 225 5.53 -7.14 -28.88
N LEU A 226 6.23 -6.04 -28.66
CA LEU A 226 6.64 -5.16 -29.75
C LEU A 226 8.08 -4.73 -29.56
N GLN A 227 8.76 -4.50 -30.69
CA GLN A 227 10.19 -4.21 -30.68
C GLN A 227 10.49 -3.03 -31.61
N PHE A 228 11.36 -2.14 -31.16
CA PHE A 228 11.83 -1.00 -31.93
C PHE A 228 13.34 -1.06 -32.08
N ARG A 229 13.85 -0.43 -33.13
CA ARG A 229 15.28 -0.30 -33.35
C ARG A 229 15.60 1.14 -33.73
N LEU A 230 16.70 1.65 -33.21
CA LEU A 230 17.16 3.01 -33.49
C LEU A 230 18.62 2.94 -33.91
N ASN A 231 18.94 3.56 -35.05
CA ASN A 231 20.30 3.56 -35.53
C ASN A 231 21.22 4.28 -34.53
N LYS A 232 22.52 4.11 -34.74
CA LYS A 232 23.50 4.70 -33.83
C LYS A 232 23.34 6.22 -33.79
N SER A 233 23.43 6.79 -32.59
CA SER A 233 23.29 8.22 -32.41
C SER A 233 24.21 8.66 -31.28
N SER A 234 24.52 9.96 -31.27
CA SER A 234 25.39 10.54 -30.25
C SER A 234 24.69 10.77 -28.92
N GLU A 235 23.48 10.22 -28.74
CA GLU A 235 22.78 10.39 -27.47
C GLU A 235 23.54 9.75 -26.32
N ASP A 236 24.12 8.56 -26.57
CA ASP A 236 24.89 7.86 -25.55
C ASP A 236 23.99 7.24 -24.49
N PHE A 237 22.69 7.51 -24.57
CA PHE A 237 21.72 6.97 -23.62
C PHE A 237 20.40 6.78 -24.35
N SER A 238 19.83 5.57 -24.25
CA SER A 238 18.62 5.22 -24.96
C SER A 238 17.51 4.91 -23.97
N ALA A 239 16.31 5.41 -24.26
CA ALA A 239 15.15 5.16 -23.43
C ALA A 239 13.93 5.69 -24.16
N ILE A 240 12.78 5.06 -23.93
CA ILE A 240 11.54 5.41 -24.60
C ILE A 240 10.45 5.61 -23.56
N ASP A 241 9.76 6.74 -23.64
CA ASP A 241 8.69 7.03 -22.70
C ASP A 241 7.40 6.33 -23.13
N TYR A 242 6.47 6.21 -22.18
CA TYR A 242 5.18 5.60 -22.46
C TYR A 242 4.27 5.80 -21.27
N LEU A 243 2.99 6.00 -21.54
CA LEU A 243 1.98 6.16 -20.50
C LEU A 243 0.71 5.44 -20.92
N LEU A 244 -0.09 5.06 -19.93
CA LEU A 244 -1.31 4.30 -20.15
C LEU A 244 -2.52 5.10 -19.70
N PHE A 245 -3.64 4.90 -20.37
CA PHE A 245 -4.92 5.44 -19.96
C PHE A 245 -5.97 4.33 -19.99
N SER A 246 -7.14 4.64 -19.44
CA SER A 246 -8.12 3.59 -19.14
C SER A 246 -8.56 2.85 -20.40
N SER A 247 -9.00 3.59 -21.41
CA SER A 247 -9.61 2.98 -22.59
C SER A 247 -9.05 3.61 -23.85
N PHE A 248 -9.07 2.84 -24.93
CA PHE A 248 -8.58 3.31 -26.22
C PHE A 248 -9.72 3.62 -27.18
N GLN A 249 -10.82 2.86 -27.10
CA GLN A 249 -11.97 3.12 -27.96
C GLN A 249 -12.58 4.49 -27.65
N GLU A 250 -12.67 4.85 -26.38
CA GLU A 250 -13.17 6.17 -26.02
C GLU A 250 -12.36 7.25 -26.73
N PHE A 251 -11.04 7.15 -26.66
CA PHE A 251 -10.19 8.14 -27.30
C PHE A 251 -10.40 8.13 -28.81
N LEU A 252 -10.56 6.94 -29.41
CA LEU A 252 -10.78 6.87 -30.84
C LEU A 252 -12.08 7.54 -31.24
N GLN A 253 -13.09 7.49 -30.38
CA GLN A 253 -14.42 7.99 -30.73
C GLN A 253 -14.62 9.44 -30.32
N SER A 254 -14.08 9.87 -29.19
CA SER A 254 -14.31 11.23 -28.71
C SER A 254 -13.55 12.23 -29.57
N PRO A 255 -14.22 13.22 -30.17
CA PRO A 255 -13.49 14.20 -30.98
C PRO A 255 -12.63 15.11 -30.12
N ASN A 256 -11.93 16.06 -30.73
CA ASN A 256 -10.99 16.92 -30.01
C ASN A 256 -10.00 16.07 -29.23
N ARG A 257 -9.23 15.28 -29.97
CA ARG A 257 -8.32 14.32 -29.35
C ARG A 257 -7.25 15.01 -28.51
N VAL A 258 -6.75 16.15 -28.98
CA VAL A 258 -5.63 16.80 -28.32
C VAL A 258 -5.96 17.09 -26.86
N GLY A 259 -7.19 17.53 -26.60
CA GLY A 259 -7.58 17.79 -25.22
C GLY A 259 -7.55 16.53 -24.36
N PHE A 260 -8.05 15.42 -24.90
CA PHE A 260 -8.03 14.18 -24.15
C PHE A 260 -6.60 13.76 -23.84
N MET A 261 -5.71 13.86 -24.83
CA MET A 261 -4.32 13.49 -24.59
C MET A 261 -3.65 14.42 -23.58
N GLN A 262 -3.95 15.72 -23.66
CA GLN A 262 -3.40 16.65 -22.68
C GLN A 262 -3.83 16.29 -21.27
N ALA A 263 -5.12 15.98 -21.10
CA ALA A 263 -5.62 15.58 -19.79
C ALA A 263 -4.94 14.30 -19.32
N CYS A 264 -4.82 13.32 -20.21
CA CYS A 264 -4.19 12.06 -19.83
C CYS A 264 -2.74 12.26 -19.40
N GLU A 265 -2.00 13.09 -20.15
CA GLU A 265 -0.60 13.33 -19.82
C GLU A 265 -0.46 14.08 -18.50
N SER A 266 -1.29 15.09 -18.28
CA SER A 266 -1.22 15.84 -17.03
C SER A 266 -1.64 15.00 -15.84
N ALA A 267 -2.51 14.00 -16.04
CA ALA A 267 -2.97 13.17 -14.94
C ALA A 267 -2.11 11.92 -14.78
N TYR A 268 -2.04 11.09 -15.81
CA TYR A 268 -1.33 9.82 -15.73
C TYR A 268 0.17 10.03 -15.74
N SER A 269 0.88 9.23 -14.94
CA SER A 269 2.33 9.30 -14.91
C SER A 269 2.92 8.79 -16.20
N SER A 270 4.03 9.40 -16.62
CA SER A 270 4.72 9.01 -17.85
C SER A 270 5.94 8.17 -17.46
N TRP A 271 5.86 6.87 -17.68
CA TRP A 271 6.95 5.96 -17.33
C TRP A 271 7.94 5.88 -18.49
N LYS A 272 9.05 5.18 -18.25
CA LYS A 272 10.15 5.08 -19.19
C LYS A 272 10.67 3.65 -19.19
N PHE A 273 10.94 3.11 -20.38
CA PHE A 273 11.51 1.78 -20.53
C PHE A 273 12.80 1.86 -21.33
N SER A 274 13.76 1.03 -20.93
CA SER A 274 15.12 1.13 -21.44
C SER A 274 15.24 0.52 -22.84
N GLY A 275 16.40 0.73 -23.44
CA GLY A 275 16.69 0.17 -24.76
C GLY A 275 17.93 -0.70 -24.74
N GLY A 276 17.78 -1.96 -25.14
CA GLY A 276 18.90 -2.88 -25.17
C GLY A 276 18.54 -4.25 -24.64
N PHE A 277 17.42 -4.34 -23.93
CA PHE A 277 16.97 -5.62 -23.39
C PHE A 277 15.51 -5.50 -22.99
N ARG A 278 14.89 -6.66 -22.77
CA ARG A 278 13.43 -6.73 -22.66
C ARG A 278 12.97 -6.28 -21.28
N THR A 279 11.82 -5.61 -21.24
CA THR A 279 11.22 -5.10 -20.01
C THR A 279 9.78 -5.60 -19.92
N TRP A 280 9.61 -6.78 -19.34
CA TRP A 280 8.29 -7.36 -19.12
C TRP A 280 7.51 -6.46 -18.17
N VAL A 281 6.46 -5.80 -18.65
CA VAL A 281 5.72 -4.82 -17.86
C VAL A 281 4.30 -5.33 -17.64
N LYS A 282 3.87 -5.33 -16.39
CA LYS A 282 2.53 -5.74 -16.02
C LYS A 282 1.61 -4.52 -16.01
N MET A 283 0.38 -4.69 -15.54
CA MET A 283 -0.53 -3.57 -15.34
C MET A 283 -1.48 -3.90 -14.20
N SER A 284 -2.07 -2.84 -13.64
CA SER A 284 -3.05 -2.98 -12.58
C SER A 284 -3.79 -1.66 -12.44
N LEU A 285 -5.10 -1.74 -12.18
CA LEU A 285 -5.97 -0.57 -12.13
C LEU A 285 -6.48 -0.36 -10.72
N VAL A 286 -6.38 0.87 -10.23
CA VAL A 286 -6.98 1.24 -8.95
C VAL A 286 -7.94 2.39 -9.20
N LYS A 287 -9.16 2.25 -8.71
CA LYS A 287 -10.23 3.22 -8.93
C LYS A 287 -10.63 3.84 -7.60
N THR A 288 -10.73 5.17 -7.59
CA THR A 288 -11.06 5.93 -6.39
C THR A 288 -12.25 6.82 -6.67
N LYS A 289 -13.08 7.04 -5.65
CA LYS A 289 -14.24 7.90 -5.76
C LYS A 289 -14.01 9.14 -4.90
N GLU A 290 -14.23 10.30 -5.49
CA GLU A 290 -14.03 11.56 -4.77
C GLU A 290 -15.32 11.98 -4.08
N GLU A 291 -15.21 12.97 -3.20
CA GLU A 291 -16.37 13.46 -2.47
C GLU A 291 -17.48 13.87 -3.43
N ASP A 292 -17.12 14.41 -4.60
CA ASP A 292 -18.12 14.77 -5.59
C ASP A 292 -18.85 13.53 -6.08
N GLY A 293 -18.12 12.45 -6.32
CA GLY A 293 -18.72 11.22 -6.80
C GLY A 293 -18.07 10.71 -8.08
N ARG A 294 -17.04 11.41 -8.53
CA ARG A 294 -16.36 11.03 -9.77
C ARG A 294 -15.46 9.82 -9.54
N GLU A 295 -15.29 9.04 -10.60
CA GLU A 295 -14.45 7.84 -10.56
C GLU A 295 -13.15 8.14 -11.30
N ALA A 296 -12.03 8.02 -10.59
CA ALA A 296 -10.71 8.25 -11.14
C ALA A 296 -9.95 6.93 -11.19
N VAL A 297 -9.43 6.59 -12.36
CA VAL A 297 -8.72 5.33 -12.58
C VAL A 297 -7.24 5.63 -12.74
N GLU A 298 -6.41 4.93 -11.98
CA GLU A 298 -4.96 5.11 -12.00
C GLU A 298 -4.30 3.78 -12.32
N PHE A 299 -3.26 3.85 -13.15
CA PHE A 299 -2.49 2.69 -13.57
C PHE A 299 -1.26 2.53 -12.67
N ARG A 300 -0.94 1.28 -12.34
CA ARG A 300 0.31 0.99 -11.65
C ARG A 300 0.78 -0.40 -12.05
N GLN A 301 2.09 -0.57 -12.11
CA GLN A 301 2.67 -1.82 -12.59
C GLN A 301 4.05 -2.02 -11.98
N GLU A 302 4.53 -3.26 -12.05
CA GLU A 302 5.86 -3.63 -11.58
C GLU A 302 6.63 -4.22 -12.76
N THR A 303 7.63 -3.49 -13.22
CA THR A 303 8.41 -3.94 -14.36
C THR A 303 9.40 -5.03 -13.96
N SER A 304 9.84 -5.81 -14.95
CA SER A 304 10.84 -6.85 -14.75
C SER A 304 11.78 -6.83 -15.93
N VAL A 305 13.06 -6.57 -15.67
CA VAL A 305 14.06 -6.42 -16.71
C VAL A 305 14.73 -7.77 -16.94
N VAL A 306 14.83 -8.19 -18.21
CA VAL A 306 15.55 -9.39 -18.58
C VAL A 306 16.49 -9.03 -19.73
N ASN A 307 17.74 -9.50 -19.63
CA ASN A 307 18.81 -9.04 -20.50
C ASN A 307 18.69 -9.63 -21.90
N TYR A 308 19.29 -8.93 -22.85
CA TYR A 308 19.42 -9.38 -24.22
C TYR A 308 20.72 -10.16 -24.40
N ILE A 309 20.91 -10.73 -25.58
CA ILE A 309 22.16 -11.39 -25.94
C ILE A 309 22.63 -10.84 -27.28
N ASP A 310 23.91 -10.49 -27.37
CA ASP A 310 24.50 -9.98 -28.59
C ASP A 310 24.95 -11.07 -29.53
N GLN A 311 24.87 -12.34 -29.12
CA GLN A 311 25.23 -13.44 -30.01
C GLN A 311 24.26 -13.52 -31.19
N ARG A 312 22.97 -13.29 -30.93
CA ARG A 312 21.99 -13.40 -32.01
C ARG A 312 22.27 -12.44 -33.15
N PRO A 313 22.47 -11.14 -32.91
CA PRO A 313 22.86 -10.25 -34.01
C PRO A 313 24.15 -10.69 -34.69
N ALA A 314 25.21 -10.87 -33.90
CA ALA A 314 26.49 -11.35 -34.41
C ALA A 314 26.95 -10.50 -35.60
N ALA A 315 26.88 -9.19 -35.44
CA ALA A 315 27.28 -8.27 -36.49
C ALA A 315 27.77 -6.97 -35.87
N LYS A 316 28.56 -6.23 -36.64
CA LYS A 316 29.09 -4.94 -36.20
C LYS A 316 28.18 -3.83 -36.72
N LYS A 317 27.04 -3.69 -36.05
CA LYS A 317 26.03 -2.68 -36.38
C LYS A 317 25.85 -1.63 -35.30
N SER A 318 25.97 -2.01 -34.03
CA SER A 318 25.80 -1.08 -32.91
C SER A 318 24.46 -0.36 -33.01
N ALA A 319 23.41 -1.13 -33.31
CA ALA A 319 22.06 -0.60 -33.46
C ALA A 319 21.23 -1.06 -32.26
N GLN A 320 20.50 -0.12 -31.65
CA GLN A 320 19.66 -0.46 -30.52
C GLN A 320 18.52 -1.37 -30.98
N LEU A 321 18.21 -2.37 -30.16
CA LEU A 321 17.08 -3.28 -30.40
C LEU A 321 16.20 -3.27 -29.16
N PHE A 322 15.21 -2.39 -29.13
CA PHE A 322 14.29 -2.33 -28.01
C PHE A 322 13.40 -3.57 -27.99
N PHE A 323 12.81 -3.83 -26.82
CA PHE A 323 11.89 -4.96 -26.68
C PHE A 323 10.98 -4.67 -25.49
N VAL A 324 9.66 -4.68 -25.73
CA VAL A 324 8.68 -4.43 -24.68
C VAL A 324 7.56 -5.45 -24.77
N VAL A 325 7.05 -5.84 -23.61
CA VAL A 325 5.97 -6.81 -23.52
C VAL A 325 4.98 -6.36 -22.46
N PHE A 326 3.83 -5.85 -22.91
CA PHE A 326 2.76 -5.45 -22.00
C PHE A 326 1.83 -6.64 -21.75
N GLU A 327 1.41 -6.79 -20.49
CA GLU A 327 0.60 -7.91 -20.06
C GLU A 327 -0.22 -7.48 -18.85
N TRP A 328 -1.40 -8.07 -18.71
CA TRP A 328 -2.24 -7.83 -17.54
C TRP A 328 -1.80 -8.73 -16.40
N LYS A 329 -1.80 -8.18 -15.19
CA LYS A 329 -1.24 -8.91 -14.05
C LYS A 329 -2.20 -9.95 -13.52
N ASP A 330 -3.36 -9.52 -13.02
CA ASP A 330 -4.33 -10.41 -12.42
C ASP A 330 -5.73 -9.89 -12.72
N PRO A 331 -6.75 -10.77 -12.70
CA PRO A 331 -8.14 -10.33 -12.93
C PRO A 331 -8.78 -9.67 -11.71
N PHE A 332 -8.04 -8.78 -11.06
CA PHE A 332 -8.51 -8.05 -9.90
C PHE A 332 -8.31 -6.56 -10.13
N ILE A 333 -9.39 -5.79 -9.98
CA ILE A 333 -9.36 -4.35 -10.12
C ILE A 333 -9.54 -3.76 -8.73
N GLN A 334 -8.54 -3.02 -8.25
CA GLN A 334 -8.58 -2.48 -6.91
C GLN A 334 -9.49 -1.27 -6.84
N LYS A 335 -10.25 -1.15 -5.75
CA LYS A 335 -11.02 0.06 -5.48
C LYS A 335 -10.66 0.57 -4.10
N VAL A 336 -10.35 1.87 -4.02
CA VAL A 336 -10.06 2.54 -2.76
C VAL A 336 -11.19 3.53 -2.48
N GLN A 337 -11.74 3.45 -1.28
CA GLN A 337 -12.88 4.27 -0.90
C GLN A 337 -12.52 5.05 0.36
N ASP A 338 -12.86 6.33 0.39
CA ASP A 338 -12.63 7.18 1.55
C ASP A 338 -13.93 7.27 2.33
N ILE A 339 -14.04 6.45 3.37
CA ILE A 339 -15.24 6.42 4.19
C ILE A 339 -15.17 7.53 5.24
N VAL A 340 -16.30 8.18 5.47
CA VAL A 340 -16.43 9.22 6.48
C VAL A 340 -17.27 8.67 7.62
N THR A 341 -16.72 8.72 8.83
CA THR A 341 -17.39 8.22 10.01
C THR A 341 -18.02 9.36 10.79
N ALA A 342 -18.77 9.00 11.84
CA ALA A 342 -19.39 9.97 12.73
C ALA A 342 -20.32 10.91 11.95
N ASN A 343 -21.36 10.32 11.37
CA ASN A 343 -22.40 11.12 10.75
C ASN A 343 -23.10 11.96 11.82
N PRO A 344 -23.64 13.13 11.45
CA PRO A 344 -24.08 14.07 12.49
C PRO A 344 -25.36 13.65 13.19
N TRP A 345 -26.31 13.08 12.46
CA TRP A 345 -27.60 12.77 13.07
C TRP A 345 -27.45 11.74 14.19
N ASN A 346 -26.63 10.72 13.97
CA ASN A 346 -26.41 9.72 15.01
C ASN A 346 -25.79 10.36 16.24
N THR A 347 -24.83 11.26 16.06
CA THR A 347 -24.20 11.91 17.21
C THR A 347 -25.19 12.77 17.97
N ILE A 348 -26.05 13.51 17.25
CA ILE A 348 -27.05 14.34 17.92
C ILE A 348 -28.02 13.46 18.71
N ALA A 349 -28.47 12.37 18.09
CA ALA A 349 -29.36 11.45 18.79
C ALA A 349 -28.67 10.86 20.02
N LEU A 350 -27.40 10.51 19.89
CA LEU A 350 -26.63 9.99 21.02
C LEU A 350 -26.59 11.00 22.16
N LEU A 351 -26.28 12.26 21.84
CA LEU A 351 -26.20 13.28 22.89
C LEU A 351 -27.55 13.49 23.55
N CYS A 352 -28.62 13.55 22.76
CA CYS A 352 -29.95 13.75 23.33
C CYS A 352 -30.36 12.57 24.22
N GLY A 353 -30.06 11.35 23.77
CA GLY A 353 -30.36 10.19 24.59
C GLY A 353 -29.56 10.17 25.87
N ALA A 354 -28.29 10.58 25.81
CA ALA A 354 -27.49 10.68 27.02
C ALA A 354 -28.07 11.72 27.97
N PHE A 355 -28.50 12.86 27.44
CA PHE A 355 -29.14 13.87 28.28
C PHE A 355 -30.39 13.31 28.96
N LEU A 356 -31.24 12.64 28.19
CA LEU A 356 -32.48 12.11 28.74
C LEU A 356 -32.19 11.06 29.80
N ALA A 357 -31.26 10.14 29.52
CA ALA A 357 -30.93 9.11 30.48
C ALA A 357 -30.33 9.72 31.75
N LEU A 358 -29.51 10.75 31.59
CA LEU A 358 -28.93 11.42 32.75
C LEU A 358 -30.00 12.08 33.60
N PHE A 359 -30.97 12.75 32.96
CA PHE A 359 -32.03 13.39 33.71
C PHE A 359 -32.91 12.37 34.42
N LYS A 360 -33.22 11.26 33.75
CA LYS A 360 -34.05 10.24 34.38
C LYS A 360 -33.30 9.55 35.51
N ALA A 361 -31.98 9.35 35.36
CA ALA A 361 -31.19 8.83 36.45
C ALA A 361 -31.19 9.80 37.62
N ALA A 362 -31.13 11.11 37.33
CA ALA A 362 -31.24 12.10 38.39
C ALA A 362 -32.58 12.01 39.10
N GLU A 363 -33.66 11.83 38.33
CA GLU A 363 -34.99 11.73 38.94
C GLU A 363 -35.10 10.48 39.81
N PHE A 364 -34.59 9.34 39.33
CA PHE A 364 -34.61 8.12 40.11
C PHE A 364 -33.76 8.27 41.37
N ALA A 365 -32.58 8.88 41.23
CA ALA A 365 -31.74 9.13 42.39
C ALA A 365 -32.42 10.07 43.38
N LYS A 366 -33.20 11.03 42.88
CA LYS A 366 -33.89 11.95 43.78
C LYS A 366 -35.04 11.25 44.50
N LEU A 367 -35.73 10.32 43.83
CA LEU A 367 -36.74 9.53 44.51
C LEU A 367 -36.10 8.66 45.60
N SER A 368 -34.99 8.00 45.26
CA SER A 368 -34.28 7.21 46.27
C SER A 368 -33.75 8.10 47.39
N ILE A 369 -33.40 9.35 47.07
CA ILE A 369 -32.94 10.28 48.10
C ILE A 369 -34.10 10.72 48.97
N LYS A 370 -35.30 10.81 48.41
CA LYS A 370 -36.48 11.03 49.25
C LYS A 370 -36.69 9.87 50.21
N TRP A 371 -36.49 8.64 49.72
CA TRP A 371 -36.58 7.47 50.60
C TRP A 371 -35.52 7.53 51.68
N MET A 372 -34.29 7.87 51.29
CA MET A 372 -33.19 8.00 52.25
C MET A 372 -33.46 9.12 53.24
N ILE A 373 -34.17 10.17 52.81
CA ILE A 373 -34.55 11.26 53.71
C ILE A 373 -35.60 10.79 54.69
N LYS A 374 -36.53 9.94 54.24
CA LYS A 374 -37.43 9.29 55.19
C LYS A 374 -36.64 8.49 56.21
N ILE A 375 -35.63 7.76 55.74
CA ILE A 375 -34.77 7.00 56.66
C ILE A 375 -34.14 7.95 57.67
N ARG A 376 -33.53 9.02 57.19
CA ARG A 376 -32.98 10.02 58.10
C ARG A 376 -34.02 10.44 59.13
N LYS A 377 -35.25 10.70 58.67
CA LYS A 377 -36.33 11.03 59.59
C LYS A 377 -36.54 9.92 60.61
N ARG A 378 -36.18 8.68 60.26
CA ARG A 378 -36.21 7.62 61.26
C ARG A 378 -35.21 7.88 62.38
N TYR A 379 -34.13 8.61 62.10
CA TYR A 379 -33.09 8.86 63.08
C TYR A 379 -33.40 10.11 63.90
N VAL B 106 -49.78 -18.29 39.26
CA VAL B 106 -48.59 -18.25 38.42
C VAL B 106 -48.57 -16.95 37.60
N PHE B 107 -49.70 -16.25 37.55
CA PHE B 107 -49.76 -15.00 36.80
C PHE B 107 -48.72 -14.01 37.29
N SER B 108 -48.34 -14.09 38.57
CA SER B 108 -47.32 -13.19 39.09
C SER B 108 -46.00 -13.41 38.35
N VAL B 109 -45.59 -14.67 38.18
CA VAL B 109 -44.34 -14.95 37.48
C VAL B 109 -44.43 -14.47 36.03
N LEU B 110 -45.56 -14.74 35.36
CA LEU B 110 -45.72 -14.30 33.99
C LEU B 110 -45.60 -12.79 33.89
N LEU B 111 -46.19 -12.08 34.85
CA LEU B 111 -46.03 -10.63 34.88
C LEU B 111 -44.56 -10.25 34.94
N ILE B 112 -43.74 -11.04 35.64
CA ILE B 112 -42.31 -10.81 35.69
C ILE B 112 -41.57 -11.42 34.50
N PHE B 113 -42.28 -12.18 33.65
CA PHE B 113 -41.62 -12.79 32.50
C PHE B 113 -40.95 -11.73 31.63
N ILE B 114 -41.57 -10.56 31.51
CA ILE B 114 -40.89 -9.44 30.86
C ILE B 114 -39.55 -9.19 31.54
N TYR B 115 -39.52 -9.32 32.88
CA TYR B 115 -38.28 -9.13 33.60
C TYR B 115 -37.26 -10.22 33.29
N LEU B 116 -37.72 -11.48 33.13
CA LEU B 116 -36.79 -12.55 32.78
C LEU B 116 -36.17 -12.29 31.41
N LEU B 117 -36.99 -11.92 30.43
CA LEU B 117 -36.45 -11.58 29.12
C LEU B 117 -35.53 -10.37 29.21
N LEU B 118 -35.87 -9.42 30.07
CA LEU B 118 -35.02 -8.24 30.26
C LEU B 118 -33.66 -8.62 30.81
N MET B 119 -33.63 -9.53 31.79
CA MET B 119 -32.36 -9.98 32.35
C MET B 119 -31.53 -10.71 31.30
N ALA B 120 -32.18 -11.56 30.49
CA ALA B 120 -31.46 -12.24 29.42
C ALA B 120 -30.86 -11.22 28.44
N VAL B 121 -31.66 -10.23 28.06
CA VAL B 121 -31.19 -9.21 27.12
C VAL B 121 -30.03 -8.43 27.74
N ALA B 122 -30.12 -8.12 29.03
CA ALA B 122 -29.06 -7.37 29.69
C ALA B 122 -27.77 -8.18 29.73
N VAL B 123 -27.86 -9.48 30.03
CA VAL B 123 -26.67 -10.32 30.03
C VAL B 123 -26.05 -10.34 28.64
N PHE B 124 -26.87 -10.53 27.61
CA PHE B 124 -26.35 -10.55 26.26
C PHE B 124 -25.68 -9.22 25.91
N LEU B 125 -26.32 -8.11 26.25
CA LEU B 125 -25.79 -6.80 25.90
C LEU B 125 -24.46 -6.54 26.60
N VAL B 126 -24.39 -6.86 27.89
CA VAL B 126 -23.14 -6.65 28.63
C VAL B 126 -22.03 -7.49 28.04
N TYR B 127 -22.31 -8.77 27.79
CA TYR B 127 -21.27 -9.64 27.23
C TYR B 127 -20.81 -9.12 25.87
N ARG B 128 -21.75 -8.76 25.01
CA ARG B 128 -21.40 -8.32 23.66
C ARG B 128 -20.57 -7.04 23.69
N THR B 129 -21.03 -6.05 24.47
CA THR B 129 -20.29 -4.79 24.52
C THR B 129 -18.90 -4.99 25.12
N ILE B 130 -18.80 -5.79 26.19
CA ILE B 130 -17.51 -6.02 26.81
C ILE B 130 -16.55 -6.66 25.81
N THR B 131 -16.99 -7.75 25.16
CA THR B 131 -16.09 -8.44 24.24
C THR B 131 -15.73 -7.54 23.06
N ASP B 132 -16.69 -6.80 22.52
CA ASP B 132 -16.42 -5.97 21.35
C ASP B 132 -15.43 -4.86 21.67
N PHE B 133 -15.67 -4.13 22.77
CA PHE B 133 -14.79 -3.02 23.11
C PHE B 133 -13.49 -3.48 23.74
N ARG B 134 -13.38 -4.75 24.16
CA ARG B 134 -12.07 -5.30 24.52
C ARG B 134 -11.30 -5.72 23.28
N GLU B 135 -12.02 -6.17 22.24
CA GLU B 135 -11.37 -6.56 20.99
C GLU B 135 -11.03 -5.38 20.10
N LYS B 136 -11.62 -4.21 20.35
CA LYS B 136 -11.41 -3.05 19.48
C LYS B 136 -10.16 -2.27 19.82
N LEU B 137 -9.41 -2.66 20.85
CA LEU B 137 -8.13 -2.02 21.14
C LEU B 137 -6.96 -2.75 20.49
N LYS B 138 -7.08 -4.07 20.30
CA LYS B 138 -5.97 -4.83 19.73
C LYS B 138 -5.64 -4.37 18.32
N HIS B 139 -6.66 -4.12 17.50
CA HIS B 139 -6.48 -3.74 16.10
C HIS B 139 -7.18 -2.41 15.83
N PRO B 140 -6.47 -1.29 15.92
CA PRO B 140 -7.07 0.00 15.58
C PRO B 140 -7.35 0.11 14.09
N VAL B 141 -7.84 1.25 13.62
CA VAL B 141 -8.18 1.45 12.21
C VAL B 141 -7.21 2.47 11.62
N MET B 142 -6.70 2.18 10.44
CA MET B 142 -5.71 3.01 9.78
C MET B 142 -6.38 4.01 8.84
N SER B 143 -5.87 5.23 8.81
CA SER B 143 -6.36 6.28 7.93
C SER B 143 -5.19 6.92 7.20
N VAL B 144 -5.45 7.38 5.97
CA VAL B 144 -4.42 7.93 5.11
C VAL B 144 -4.90 9.24 4.51
N SER B 145 -3.95 10.07 4.13
CA SER B 145 -4.25 11.36 3.50
C SER B 145 -3.04 11.84 2.75
N TYR B 146 -3.27 12.80 1.86
CA TYR B 146 -2.22 13.38 1.02
C TYR B 146 -2.22 14.89 1.20
N LYS B 147 -1.03 15.46 1.37
CA LYS B 147 -0.86 16.91 1.46
C LYS B 147 -0.01 17.41 0.30
N GLU B 148 -0.48 18.45 -0.37
CA GLU B 148 0.30 19.10 -1.42
C GLU B 148 1.28 20.08 -0.79
N VAL B 149 2.51 20.05 -1.28
CA VAL B 149 3.58 20.94 -0.81
C VAL B 149 4.12 21.72 -2.01
N ASP B 150 4.17 23.04 -1.87
CA ASP B 150 4.66 23.88 -2.95
C ASP B 150 6.12 23.57 -3.27
N ARG B 151 6.94 23.36 -2.23
CA ARG B 151 8.35 23.05 -2.43
C ARG B 151 8.85 22.25 -1.23
N TYR B 152 9.60 21.20 -1.51
CA TYR B 152 10.11 20.32 -0.46
C TYR B 152 11.30 20.97 0.25
N ASP B 153 11.55 20.48 1.46
CA ASP B 153 12.79 20.82 2.16
C ASP B 153 13.92 19.98 1.62
N ALA B 154 15.08 20.60 1.45
CA ALA B 154 16.20 19.92 0.84
C ALA B 154 16.54 18.65 1.62
N PRO B 155 16.44 17.47 1.03
CA PRO B 155 16.84 16.25 1.73
C PRO B 155 18.32 15.96 1.54
N GLY B 156 18.85 15.16 2.46
CA GLY B 156 20.25 14.77 2.44
C GLY B 156 20.41 13.39 1.83
N ILE B 157 21.29 13.31 0.83
CA ILE B 157 21.56 12.07 0.11
C ILE B 157 22.96 11.63 0.47
N ALA B 158 23.07 10.47 1.13
CA ALA B 158 24.35 9.96 1.60
C ALA B 158 24.78 8.80 0.71
N LEU B 159 26.06 8.79 0.35
CA LEU B 159 26.65 7.75 -0.48
C LEU B 159 27.89 7.18 0.21
N TYR B 160 28.25 5.97 -0.19
CA TYR B 160 29.40 5.25 0.37
C TYR B 160 30.31 4.81 -0.76
N PRO B 161 30.92 5.77 -1.47
CA PRO B 161 31.71 5.40 -2.65
C PRO B 161 32.86 4.45 -2.36
N GLY B 162 33.50 4.59 -1.20
CA GLY B 162 34.65 3.76 -0.90
C GLY B 162 35.85 4.15 -1.76
N GLN B 163 36.20 3.28 -2.71
CA GLN B 163 37.30 3.55 -3.63
C GLN B 163 36.91 4.48 -4.78
N ALA B 164 35.62 4.71 -4.99
CA ALA B 164 35.17 5.55 -6.09
C ALA B 164 35.41 7.02 -5.78
N GLN B 165 35.58 7.81 -6.82
CA GLN B 165 35.79 9.25 -6.72
C GLN B 165 34.75 9.96 -7.58
N LEU B 166 34.08 10.94 -6.99
CA LEU B 166 33.06 11.68 -7.72
C LEU B 166 33.69 12.47 -8.88
N LEU B 167 32.93 12.59 -9.96
CA LEU B 167 33.38 13.29 -11.16
C LEU B 167 32.61 14.57 -11.43
N SER B 168 31.28 14.53 -11.35
CA SER B 168 30.47 15.72 -11.58
C SER B 168 29.13 15.57 -10.90
N CYS B 169 28.76 16.58 -10.11
CA CYS B 169 27.46 16.67 -9.46
C CYS B 169 26.80 17.97 -9.89
N LYS B 170 25.64 17.87 -10.52
CA LYS B 170 24.97 19.03 -11.10
C LYS B 170 23.48 19.02 -10.78
N HIS B 171 22.95 20.19 -10.47
CA HIS B 171 21.50 20.37 -10.39
C HIS B 171 20.97 20.74 -11.77
N HIS B 172 19.83 20.15 -12.13
CA HIS B 172 19.24 20.38 -13.45
C HIS B 172 17.76 20.67 -13.26
N TYR B 173 17.37 21.92 -13.52
CA TYR B 173 15.96 22.29 -13.45
C TYR B 173 15.20 21.83 -14.68
N GLU B 174 15.86 21.71 -15.82
CA GLU B 174 15.24 21.18 -17.02
C GLU B 174 15.00 19.68 -16.86
N VAL B 175 13.91 19.20 -17.45
CA VAL B 175 13.58 17.78 -17.35
C VAL B 175 14.66 16.94 -18.01
N ILE B 176 15.11 17.35 -19.19
CA ILE B 176 16.09 16.58 -19.96
C ILE B 176 17.49 16.98 -19.51
N PRO B 177 18.26 16.07 -18.92
CA PRO B 177 19.64 16.41 -18.57
C PRO B 177 20.49 16.55 -19.83
N PRO B 178 21.56 17.33 -19.77
CA PRO B 178 22.38 17.52 -20.97
C PRO B 178 23.32 16.36 -21.23
N LEU B 179 23.94 16.40 -22.40
CA LEU B 179 24.90 15.38 -22.81
C LEU B 179 26.31 15.91 -22.73
N THR B 180 27.22 15.07 -22.26
CA THR B 180 28.62 15.44 -22.06
C THR B 180 29.53 14.30 -22.50
N SER B 181 30.84 14.57 -22.47
CA SER B 181 31.84 13.56 -22.77
C SER B 181 32.32 12.94 -21.46
N PRO B 182 32.06 11.66 -21.19
CA PRO B 182 32.42 11.10 -19.89
C PRO B 182 33.92 10.97 -19.72
N GLY B 183 34.35 10.91 -18.46
CA GLY B 183 35.73 10.71 -18.11
C GLY B 183 36.51 11.97 -17.78
N GLN B 184 35.92 13.14 -17.99
CA GLN B 184 36.61 14.40 -17.73
C GLN B 184 35.99 15.09 -16.52
N PRO B 185 36.69 15.19 -15.39
CA PRO B 185 36.10 15.88 -14.23
C PRO B 185 35.82 17.34 -14.54
N GLY B 186 34.73 17.84 -13.98
CA GLY B 186 34.34 19.22 -14.18
C GLY B 186 32.88 19.42 -13.86
N ASP B 187 32.49 20.69 -13.80
CA ASP B 187 31.11 21.09 -13.53
C ASP B 187 30.62 20.51 -12.20
N MET B 188 31.30 20.93 -11.13
CA MET B 188 30.93 20.56 -9.77
C MET B 188 30.19 21.73 -9.12
N ASN B 189 28.89 21.57 -8.93
CA ASN B 189 28.03 22.61 -8.36
C ASN B 189 27.16 22.01 -7.26
N CYS B 190 27.76 21.24 -6.37
CA CYS B 190 27.06 20.62 -5.26
C CYS B 190 27.82 20.91 -3.97
N THR B 191 27.15 20.71 -2.84
CA THR B 191 27.71 20.95 -1.52
C THR B 191 27.87 19.63 -0.80
N THR B 192 29.07 19.40 -0.24
CA THR B 192 29.41 18.12 0.37
C THR B 192 30.14 18.35 1.69
N GLN B 193 29.91 17.44 2.63
CA GLN B 193 30.61 17.44 3.92
C GLN B 193 31.00 16.01 4.24
N ARG B 194 32.24 15.65 3.93
CA ARG B 194 32.71 14.29 4.14
C ARG B 194 32.64 13.92 5.62
N ILE B 195 32.27 12.67 5.89
CA ILE B 195 32.20 12.18 7.26
C ILE B 195 32.85 10.80 7.36
N ASN B 196 33.29 10.45 8.57
CA ASN B 196 33.90 9.15 8.84
C ASN B 196 33.36 8.66 10.18
N TYR B 197 32.40 7.74 10.13
CA TYR B 197 31.74 7.25 11.34
C TYR B 197 31.69 5.73 11.34
N THR B 198 31.58 5.18 12.54
CA THR B 198 31.57 3.73 12.76
C THR B 198 30.14 3.22 12.82
N ASP B 199 29.86 2.18 12.04
CA ASP B 199 28.51 1.68 11.92
C ASP B 199 28.07 1.06 13.25
N PRO B 200 26.75 0.95 13.47
CA PRO B 200 26.27 0.34 14.72
C PRO B 200 26.16 -1.17 14.66
N PHE B 201 26.07 -1.76 13.47
CA PHE B 201 25.84 -3.20 13.36
C PHE B 201 26.98 -4.00 13.96
N SER B 202 28.23 -3.61 13.67
CA SER B 202 29.40 -4.35 14.12
C SER B 202 30.33 -3.53 15.00
N ASN B 203 30.23 -2.21 15.00
CA ASN B 203 31.11 -1.36 15.78
C ASN B 203 32.58 -1.71 15.54
N GLN B 204 32.88 -2.21 14.35
CA GLN B 204 34.24 -2.57 13.97
C GLN B 204 34.64 -2.05 12.59
N THR B 205 33.69 -1.70 11.73
CA THR B 205 33.99 -1.17 10.40
C THR B 205 33.58 0.29 10.36
N VAL B 206 34.55 1.17 10.12
CA VAL B 206 34.32 2.61 9.99
C VAL B 206 34.15 2.91 8.51
N LYS B 207 33.02 3.49 8.14
CA LYS B 207 32.65 3.65 6.75
C LYS B 207 32.57 5.14 6.41
N SER B 208 33.57 5.62 5.68
CA SER B 208 33.55 7.01 5.21
C SER B 208 32.34 7.21 4.29
N ALA B 209 31.64 8.31 4.50
CA ALA B 209 30.40 8.59 3.79
C ALA B 209 30.40 10.02 3.28
N LEU B 210 29.84 10.20 2.08
CA LEU B 210 29.63 11.52 1.50
C LEU B 210 28.17 11.90 1.64
N ILE B 211 27.91 13.19 1.72
CA ILE B 211 26.55 13.72 1.82
C ILE B 211 26.39 14.86 0.82
N VAL B 212 25.27 14.86 0.11
CA VAL B 212 25.00 15.86 -0.91
C VAL B 212 23.58 16.39 -0.72
N GLN B 213 23.38 17.64 -1.11
CA GLN B 213 22.08 18.28 -1.03
C GLN B 213 21.14 17.71 -2.09
N GLY B 214 19.89 17.49 -1.71
CA GLY B 214 18.91 16.93 -2.61
C GLY B 214 18.24 18.00 -3.46
N PRO B 215 17.26 17.59 -4.26
CA PRO B 215 16.52 18.55 -5.07
C PRO B 215 15.33 19.13 -4.32
N ARG B 216 15.23 20.46 -4.27
CA ARG B 216 14.19 21.12 -3.49
C ARG B 216 12.94 21.39 -4.31
N GLU B 217 13.07 22.17 -5.39
CA GLU B 217 11.92 22.66 -6.14
C GLU B 217 11.38 21.53 -7.01
N VAL B 218 10.39 20.81 -6.50
CA VAL B 218 9.78 19.74 -7.28
C VAL B 218 8.98 20.32 -8.44
N LYS B 219 8.32 21.46 -8.21
CA LYS B 219 7.49 22.05 -9.26
C LYS B 219 8.33 22.44 -10.47
N LYS B 220 9.50 23.03 -10.24
CA LYS B 220 10.39 23.42 -11.32
C LYS B 220 11.17 22.23 -11.90
N ARG B 221 10.84 21.01 -11.50
CA ARG B 221 11.47 19.80 -12.02
C ARG B 221 12.98 19.84 -11.80
N GLU B 222 13.37 19.84 -10.53
CA GLU B 222 14.77 19.81 -10.14
C GLU B 222 15.22 18.36 -9.99
N LEU B 223 16.30 18.00 -10.68
CA LEU B 223 16.87 16.67 -10.58
C LEU B 223 18.37 16.76 -10.39
N VAL B 224 18.91 15.89 -9.55
CA VAL B 224 20.33 15.89 -9.21
C VAL B 224 21.02 14.81 -10.02
N PHE B 225 22.05 15.19 -10.77
CA PHE B 225 22.78 14.27 -11.64
C PHE B 225 24.19 14.08 -11.08
N LEU B 226 24.54 12.83 -10.80
CA LEU B 226 25.82 12.49 -10.18
C LEU B 226 26.54 11.47 -11.04
N GLN B 227 27.81 11.72 -11.31
CA GLN B 227 28.66 10.81 -12.08
C GLN B 227 29.79 10.32 -11.20
N PHE B 228 29.97 9.00 -11.15
CA PHE B 228 31.03 8.38 -10.35
C PHE B 228 31.90 7.51 -11.26
N ARG B 229 33.19 7.52 -11.01
CA ARG B 229 34.15 6.73 -11.77
C ARG B 229 34.89 5.78 -10.84
N LEU B 230 35.11 4.55 -11.31
CA LEU B 230 35.79 3.53 -10.52
C LEU B 230 36.71 2.73 -11.42
N ASN B 231 37.95 2.55 -10.99
CA ASN B 231 38.90 1.74 -11.74
C ASN B 231 38.56 0.26 -11.61
N LYS B 232 38.91 -0.50 -12.64
CA LYS B 232 38.64 -1.93 -12.63
C LYS B 232 39.40 -2.62 -11.50
N SER B 233 38.73 -3.55 -10.83
CA SER B 233 39.32 -4.29 -9.73
C SER B 233 38.81 -5.72 -9.79
N SER B 234 39.05 -6.47 -8.72
CA SER B 234 38.65 -7.87 -8.63
C SER B 234 37.36 -8.05 -7.84
N GLU B 235 36.58 -6.97 -7.67
CA GLU B 235 35.34 -7.07 -6.90
C GLU B 235 34.37 -8.07 -7.53
N ASP B 236 34.23 -8.02 -8.85
CA ASP B 236 33.35 -8.86 -9.66
C ASP B 236 31.89 -8.46 -9.52
N PHE B 237 31.56 -7.50 -8.65
CA PHE B 237 30.19 -7.03 -8.50
C PHE B 237 30.26 -5.61 -7.94
N SER B 238 30.08 -4.62 -8.81
CA SER B 238 30.24 -3.22 -8.45
C SER B 238 28.88 -2.61 -8.16
N ALA B 239 28.69 -2.13 -6.94
CA ALA B 239 27.46 -1.48 -6.53
C ALA B 239 27.79 -0.44 -5.48
N ILE B 240 26.91 0.56 -5.35
CA ILE B 240 27.07 1.61 -4.36
C ILE B 240 25.76 1.77 -3.61
N ASP B 241 25.82 1.75 -2.28
CA ASP B 241 24.65 1.81 -1.43
C ASP B 241 24.50 3.22 -0.88
N TYR B 242 23.29 3.76 -0.96
CA TYR B 242 23.01 5.13 -0.57
C TYR B 242 21.83 5.18 0.39
N LEU B 243 21.76 6.29 1.13
CA LEU B 243 20.76 6.51 2.16
C LEU B 243 20.16 7.90 1.99
N LEU B 244 18.95 8.08 2.51
CA LEU B 244 18.24 9.35 2.43
C LEU B 244 17.82 9.77 3.83
N PHE B 245 18.04 11.04 4.18
CA PHE B 245 17.52 11.58 5.42
C PHE B 245 16.83 12.91 5.16
N SER B 246 16.03 13.33 6.13
CA SER B 246 14.97 14.31 5.90
C SER B 246 15.55 15.64 5.42
N SER B 247 16.59 16.13 6.08
CA SER B 247 17.12 17.45 5.73
C SER B 247 18.62 17.49 6.01
N PHE B 248 19.39 17.85 4.99
CA PHE B 248 20.83 18.04 5.16
C PHE B 248 21.11 19.21 6.10
N GLN B 249 20.29 20.25 6.05
CA GLN B 249 20.53 21.43 6.88
C GLN B 249 20.44 21.10 8.36
N GLU B 250 19.43 20.32 8.75
CA GLU B 250 19.35 19.89 10.15
C GLU B 250 20.61 19.15 10.56
N PHE B 251 21.18 18.37 9.64
CA PHE B 251 22.44 17.69 9.94
C PHE B 251 23.55 18.69 10.17
N LEU B 252 23.70 19.68 9.28
CA LEU B 252 24.77 20.66 9.45
C LEU B 252 24.62 21.39 10.79
N GLN B 253 23.38 21.70 11.17
CA GLN B 253 23.17 22.47 12.39
C GLN B 253 23.39 21.63 13.65
N SER B 254 22.91 20.40 13.66
CA SER B 254 22.93 19.59 14.88
C SER B 254 24.35 19.11 15.17
N PRO B 255 24.88 19.36 16.36
CA PRO B 255 26.20 18.82 16.71
C PRO B 255 26.10 17.32 16.98
N ASN B 256 27.24 16.72 17.30
CA ASN B 256 27.32 15.26 17.48
C ASN B 256 26.74 14.56 16.26
N ARG B 257 27.10 15.08 15.08
CA ARG B 257 26.53 14.58 13.82
C ARG B 257 26.67 13.07 13.69
N VAL B 258 27.77 12.51 14.21
CA VAL B 258 27.93 11.06 14.21
C VAL B 258 26.70 10.39 14.78
N GLY B 259 26.16 10.97 15.86
CA GLY B 259 24.94 10.43 16.42
C GLY B 259 23.76 10.50 15.47
N PHE B 260 23.63 11.61 14.75
CA PHE B 260 22.52 11.75 13.82
C PHE B 260 22.58 10.67 12.74
N MET B 261 23.76 10.45 12.16
CA MET B 261 23.84 9.41 11.15
C MET B 261 23.74 8.01 11.75
N GLN B 262 24.19 7.79 12.98
CA GLN B 262 23.97 6.49 13.60
C GLN B 262 22.48 6.21 13.72
N ALA B 263 21.72 7.18 14.19
CA ALA B 263 20.27 7.02 14.29
C ALA B 263 19.66 6.79 12.91
N CYS B 264 20.09 7.57 11.92
CA CYS B 264 19.56 7.42 10.57
C CYS B 264 19.81 6.03 10.03
N GLU B 265 21.04 5.53 10.17
CA GLU B 265 21.38 4.21 9.66
C GLU B 265 20.58 3.14 10.37
N SER B 266 20.42 3.26 11.69
CA SER B 266 19.64 2.28 12.42
C SER B 266 18.18 2.29 11.97
N ALA B 267 17.62 3.47 11.73
CA ALA B 267 16.20 3.57 11.42
C ALA B 267 15.91 3.25 9.96
N TYR B 268 16.47 4.05 9.04
CA TYR B 268 16.13 3.90 7.64
C TYR B 268 16.79 2.67 7.03
N SER B 269 16.31 2.30 5.85
CA SER B 269 16.83 1.17 5.10
C SER B 269 17.67 1.66 3.93
N SER B 270 18.72 0.90 3.61
CA SER B 270 19.66 1.28 2.57
C SER B 270 19.53 0.33 1.39
N TRP B 271 19.32 0.89 0.20
CA TRP B 271 19.25 0.13 -1.05
C TRP B 271 20.29 0.68 -2.01
N LYS B 272 20.95 -0.22 -2.73
CA LYS B 272 22.09 0.14 -3.56
C LYS B 272 21.72 0.15 -5.04
N PHE B 273 22.46 0.95 -5.80
CA PHE B 273 22.35 0.96 -7.25
C PHE B 273 23.62 0.39 -7.86
N SER B 274 23.45 -0.32 -8.98
CA SER B 274 24.53 -1.07 -9.59
C SER B 274 25.48 -0.13 -10.33
N GLY B 275 26.47 -0.72 -10.99
CA GLY B 275 27.42 0.02 -11.78
C GLY B 275 27.54 -0.51 -13.19
N GLY B 276 27.34 0.37 -14.16
CA GLY B 276 27.37 -0.03 -15.56
C GLY B 276 26.26 0.63 -16.34
N PHE B 277 25.16 0.96 -15.67
CA PHE B 277 24.08 1.70 -16.28
C PHE B 277 23.47 2.62 -15.23
N ARG B 278 22.88 3.72 -15.69
CA ARG B 278 22.41 4.75 -14.79
C ARG B 278 21.21 4.25 -13.97
N THR B 279 20.72 5.13 -13.09
CA THR B 279 19.53 4.83 -12.30
C THR B 279 18.76 6.12 -12.04
N TRP B 280 17.48 6.14 -12.41
CA TRP B 280 16.63 7.32 -12.27
C TRP B 280 15.77 7.15 -11.02
N VAL B 281 16.39 7.39 -9.86
CA VAL B 281 15.71 7.22 -8.58
C VAL B 281 14.68 8.33 -8.40
N LYS B 282 13.49 7.95 -7.95
CA LYS B 282 12.41 8.87 -7.62
C LYS B 282 12.11 8.74 -6.13
N MET B 283 11.80 9.86 -5.48
CA MET B 283 11.65 9.91 -4.03
C MET B 283 10.26 10.42 -3.65
N SER B 284 9.74 9.89 -2.55
CA SER B 284 8.49 10.36 -1.97
C SER B 284 8.55 10.19 -0.47
N LEU B 285 7.75 10.98 0.25
CA LEU B 285 7.82 11.08 1.70
C LEU B 285 6.53 10.56 2.32
N VAL B 286 6.68 9.68 3.31
CA VAL B 286 5.57 9.11 4.06
C VAL B 286 5.76 9.45 5.53
N LYS B 287 4.76 10.08 6.12
CA LYS B 287 4.80 10.51 7.52
C LYS B 287 3.78 9.70 8.32
N THR B 288 4.24 9.09 9.41
CA THR B 288 3.38 8.30 10.28
C THR B 288 3.55 8.75 11.72
N LYS B 289 2.44 8.89 12.43
CA LYS B 289 2.46 9.29 13.83
C LYS B 289 2.29 8.07 14.72
N GLU B 290 3.19 7.90 15.67
CA GLU B 290 3.11 6.81 16.62
C GLU B 290 2.35 7.26 17.87
N GLU B 291 1.88 6.28 18.64
CA GLU B 291 1.02 6.59 19.77
C GLU B 291 1.68 7.55 20.75
N ASP B 292 2.99 7.49 20.88
CA ASP B 292 3.69 8.33 21.87
C ASP B 292 4.00 9.71 21.32
N GLY B 293 3.00 10.36 20.75
CA GLY B 293 3.14 11.77 20.39
C GLY B 293 4.37 12.08 19.57
N ARG B 294 4.68 11.24 18.59
CA ARG B 294 5.87 11.42 17.76
C ARG B 294 5.52 11.18 16.30
N GLU B 295 6.25 11.87 15.43
CA GLU B 295 6.07 11.77 13.99
C GLU B 295 7.35 11.26 13.36
N ALA B 296 7.23 10.25 12.51
CA ALA B 296 8.37 9.63 11.83
C ALA B 296 8.20 9.78 10.33
N VAL B 297 9.29 10.16 9.66
CA VAL B 297 9.32 10.40 8.23
C VAL B 297 10.15 9.31 7.57
N GLU B 298 9.62 8.73 6.50
CA GLU B 298 10.27 7.65 5.79
C GLU B 298 10.27 7.97 4.29
N PHE B 299 11.26 7.42 3.59
CA PHE B 299 11.45 7.65 2.17
C PHE B 299 11.05 6.41 1.38
N ARG B 300 10.34 6.64 0.28
CA ARG B 300 9.97 5.57 -0.64
C ARG B 300 10.45 5.95 -2.04
N GLN B 301 10.73 4.93 -2.86
CA GLN B 301 11.31 5.17 -4.17
C GLN B 301 10.98 4.01 -5.09
N GLU B 302 11.12 4.27 -6.39
CA GLU B 302 10.88 3.26 -7.42
C GLU B 302 11.92 3.50 -8.53
N THR B 303 12.96 2.68 -8.54
CA THR B 303 14.07 2.87 -9.46
C THR B 303 13.66 2.55 -10.88
N SER B 304 14.45 3.03 -11.83
CA SER B 304 14.23 2.74 -13.25
C SER B 304 15.60 2.85 -13.95
N VAL B 305 16.19 1.70 -14.26
CA VAL B 305 17.55 1.68 -14.81
C VAL B 305 17.48 1.82 -16.33
N VAL B 306 18.46 2.55 -16.88
CA VAL B 306 18.58 2.74 -18.32
C VAL B 306 20.01 2.39 -18.72
N ASN B 307 20.14 1.59 -19.78
CA ASN B 307 21.46 1.11 -20.17
C ASN B 307 22.37 2.26 -20.59
N TYR B 308 23.66 2.12 -20.30
CA TYR B 308 24.67 3.10 -20.64
C TYR B 308 25.48 2.58 -21.83
N ILE B 309 25.78 3.47 -22.77
CA ILE B 309 26.41 3.10 -24.03
C ILE B 309 27.91 3.36 -23.93
N ASP B 310 28.70 2.38 -24.35
CA ASP B 310 30.15 2.46 -24.29
C ASP B 310 30.77 3.20 -25.48
N GLN B 311 29.96 3.67 -26.42
CA GLN B 311 30.49 4.36 -27.58
C GLN B 311 31.32 5.58 -27.19
N ARG B 312 30.92 6.29 -26.14
CA ARG B 312 31.62 7.52 -25.78
C ARG B 312 33.09 7.26 -25.44
N PRO B 313 33.44 6.35 -24.53
CA PRO B 313 34.86 6.04 -24.32
C PRO B 313 35.52 5.47 -25.56
N ALA B 314 34.98 4.37 -26.08
CA ALA B 314 35.52 3.70 -27.26
C ALA B 314 37.02 3.47 -27.11
N ALA B 315 37.42 3.04 -25.92
CA ALA B 315 38.83 2.82 -25.61
C ALA B 315 38.97 1.51 -24.84
N LYS B 316 40.22 1.08 -24.68
CA LYS B 316 40.52 -0.18 -24.01
C LYS B 316 40.60 -0.05 -22.50
N LYS B 317 40.44 1.16 -21.95
CA LYS B 317 40.53 1.33 -20.49
C LYS B 317 39.44 0.53 -19.79
N SER B 318 38.21 0.58 -20.30
CA SER B 318 37.09 -0.17 -19.74
C SER B 318 36.94 0.11 -18.25
N ALA B 319 37.00 1.39 -17.88
CA ALA B 319 36.77 1.81 -16.50
C ALA B 319 35.28 1.93 -16.25
N GLN B 320 34.89 1.68 -15.00
CA GLN B 320 33.47 1.67 -14.65
C GLN B 320 32.97 3.07 -14.37
N LEU B 321 31.79 3.40 -14.91
CA LEU B 321 31.14 4.68 -14.68
C LEU B 321 29.70 4.43 -14.22
N PHE B 322 29.31 5.07 -13.13
CA PHE B 322 27.94 4.99 -12.62
C PHE B 322 27.30 6.37 -12.72
N PHE B 323 26.05 6.40 -13.18
CA PHE B 323 25.30 7.63 -13.32
C PHE B 323 24.01 7.53 -12.52
N VAL B 324 23.75 8.52 -11.67
CA VAL B 324 22.58 8.53 -10.81
C VAL B 324 21.82 9.82 -11.03
N VAL B 325 20.50 9.72 -11.17
CA VAL B 325 19.62 10.87 -11.23
C VAL B 325 18.64 10.75 -10.07
N PHE B 326 18.48 11.84 -9.32
CA PHE B 326 17.55 11.89 -8.20
C PHE B 326 16.45 12.88 -8.53
N GLU B 327 15.20 12.44 -8.43
CA GLU B 327 14.05 13.27 -8.73
C GLU B 327 12.95 13.00 -7.70
N TRP B 328 11.97 13.89 -7.66
CA TRP B 328 10.81 13.73 -6.79
C TRP B 328 9.65 13.17 -7.61
N LYS B 329 9.10 12.04 -7.14
CA LYS B 329 8.00 11.41 -7.86
C LYS B 329 6.82 12.36 -8.01
N ASP B 330 6.21 12.74 -6.89
CA ASP B 330 5.10 13.69 -6.88
C ASP B 330 5.26 14.60 -5.68
N PRO B 331 4.79 15.85 -5.77
CA PRO B 331 4.92 16.76 -4.62
C PRO B 331 4.15 16.29 -3.40
N PHE B 332 3.16 15.42 -3.56
CA PHE B 332 2.32 15.02 -2.44
C PHE B 332 3.14 14.29 -1.39
N ILE B 333 2.83 14.56 -0.12
CA ILE B 333 3.35 13.81 1.02
C ILE B 333 2.22 12.97 1.57
N GLN B 334 2.51 11.70 1.86
CA GLN B 334 1.50 10.73 2.26
C GLN B 334 1.57 10.52 3.76
N LYS B 335 0.50 10.87 4.47
CA LYS B 335 0.42 10.66 5.91
C LYS B 335 -0.47 9.47 6.21
N VAL B 336 -0.03 8.61 7.12
CA VAL B 336 -0.79 7.47 7.60
C VAL B 336 -0.78 7.49 9.11
N GLN B 337 -1.95 7.30 9.71
CA GLN B 337 -2.06 7.28 11.16
C GLN B 337 -3.08 6.24 11.60
N ASP B 338 -2.78 5.57 12.71
CA ASP B 338 -3.69 4.60 13.31
C ASP B 338 -4.50 5.29 14.39
N ILE B 339 -5.82 5.20 14.29
CA ILE B 339 -6.73 5.83 15.24
C ILE B 339 -7.66 4.78 15.80
N VAL B 340 -8.21 5.03 16.99
CA VAL B 340 -9.09 4.04 17.69
C VAL B 340 -10.55 4.33 17.34
N THR B 341 -11.49 3.65 17.99
CA THR B 341 -12.95 3.85 17.76
C THR B 341 -13.51 4.66 18.94
N ALA B 342 -13.73 4.04 20.11
CA ALA B 342 -14.19 4.74 21.32
C ALA B 342 -13.16 4.48 22.42
N ASN B 343 -12.76 5.51 23.16
CA ASN B 343 -11.71 5.38 24.21
C ASN B 343 -12.28 5.77 25.58
N PRO B 344 -13.40 5.19 26.04
CA PRO B 344 -13.89 5.49 27.39
C PRO B 344 -13.23 4.64 28.49
N TRP B 345 -12.70 3.44 28.19
CA TRP B 345 -12.04 2.56 29.15
C TRP B 345 -13.03 1.94 30.12
N ASN B 346 -14.26 2.45 30.16
CA ASN B 346 -15.36 1.74 30.82
C ASN B 346 -16.68 1.84 30.08
N THR B 347 -16.88 2.86 29.23
CA THR B 347 -18.12 3.08 28.51
C THR B 347 -19.34 2.79 29.38
N ILE B 348 -19.24 3.19 30.65
CA ILE B 348 -20.30 2.92 31.60
C ILE B 348 -21.54 3.74 31.27
N ALA B 349 -21.34 4.99 30.82
CA ALA B 349 -22.47 5.86 30.53
C ALA B 349 -23.35 5.26 29.44
N LEU B 350 -22.73 4.72 28.39
CA LEU B 350 -23.49 4.14 27.28
C LEU B 350 -24.46 3.08 27.77
N LEU B 351 -23.93 2.00 28.33
CA LEU B 351 -24.79 0.90 28.74
C LEU B 351 -25.73 1.32 29.87
N CYS B 352 -25.28 2.23 30.73
CA CYS B 352 -26.14 2.70 31.82
C CYS B 352 -27.37 3.40 31.28
N GLY B 353 -27.17 4.31 30.32
CA GLY B 353 -28.30 5.00 29.73
C GLY B 353 -29.20 4.07 28.94
N ALA B 354 -28.60 3.13 28.20
CA ALA B 354 -29.40 2.15 27.48
C ALA B 354 -30.25 1.33 28.44
N PHE B 355 -29.66 0.90 29.56
CA PHE B 355 -30.38 0.11 30.54
C PHE B 355 -31.50 0.92 31.18
N LEU B 356 -31.24 2.18 31.52
CA LEU B 356 -32.27 2.99 32.15
C LEU B 356 -33.42 3.24 31.19
N ALA B 357 -33.12 3.54 29.93
CA ALA B 357 -34.18 3.71 28.94
C ALA B 357 -34.98 2.43 28.78
N LEU B 358 -34.29 1.30 28.69
CA LEU B 358 -34.97 0.02 28.56
C LEU B 358 -35.85 -0.28 29.77
N PHE B 359 -35.37 0.05 30.97
CA PHE B 359 -36.14 -0.23 32.18
C PHE B 359 -37.38 0.66 32.26
N LYS B 360 -37.26 1.92 31.85
CA LYS B 360 -38.45 2.78 31.82
C LYS B 360 -39.45 2.30 30.78
N ALA B 361 -38.96 1.86 29.62
CA ALA B 361 -39.85 1.25 28.63
C ALA B 361 -40.54 0.02 29.21
N ALA B 362 -39.80 -0.78 29.98
CA ALA B 362 -40.37 -1.96 30.61
C ALA B 362 -41.44 -1.56 31.62
N GLU B 363 -41.21 -0.47 32.37
CA GLU B 363 -42.21 -0.01 33.32
C GLU B 363 -43.49 0.41 32.60
N PHE B 364 -43.36 1.13 31.49
CA PHE B 364 -44.55 1.53 30.75
C PHE B 364 -45.27 0.32 30.15
N ALA B 365 -44.51 -0.62 29.59
CA ALA B 365 -45.12 -1.84 29.06
C ALA B 365 -45.78 -2.65 30.16
N LYS B 366 -45.24 -2.60 31.38
CA LYS B 366 -45.84 -3.33 32.49
C LYS B 366 -47.09 -2.62 33.01
N LEU B 367 -47.15 -1.30 32.90
CA LEU B 367 -48.42 -0.62 33.15
C LEU B 367 -49.47 -1.03 32.12
N SER B 368 -49.04 -1.14 30.86
CA SER B 368 -49.95 -1.66 29.84
C SER B 368 -50.39 -3.09 30.18
N ILE B 369 -49.48 -3.90 30.71
CA ILE B 369 -49.83 -5.25 31.12
C ILE B 369 -50.71 -5.24 32.36
N LYS B 370 -50.66 -4.20 33.18
CA LYS B 370 -51.63 -4.07 34.26
C LYS B 370 -53.01 -3.77 33.71
N TRP B 371 -53.09 -2.92 32.68
CA TRP B 371 -54.34 -2.80 31.95
C TRP B 371 -54.77 -4.16 31.41
N MET B 372 -53.81 -4.97 30.97
CA MET B 372 -54.13 -6.31 30.51
C MET B 372 -54.60 -7.19 31.67
N ILE B 373 -54.14 -6.91 32.89
CA ILE B 373 -54.69 -7.60 34.06
C ILE B 373 -56.15 -7.22 34.23
N LYS B 374 -56.47 -5.95 34.01
CA LYS B 374 -57.88 -5.56 33.97
C LYS B 374 -58.62 -6.37 32.93
N ILE B 375 -58.01 -6.56 31.75
CA ILE B 375 -58.60 -7.40 30.72
C ILE B 375 -58.88 -8.79 31.28
N ARG B 376 -57.85 -9.46 31.77
CA ARG B 376 -58.01 -10.80 32.31
C ARG B 376 -59.13 -10.84 33.33
N LYS B 377 -59.23 -9.79 34.16
CA LYS B 377 -60.35 -9.70 35.09
C LYS B 377 -61.67 -9.69 34.35
N ARG B 378 -61.76 -8.95 33.24
CA ARG B 378 -62.94 -9.03 32.39
C ARG B 378 -63.17 -10.44 31.90
N TYR B 379 -62.10 -11.21 31.75
CA TYR B 379 -62.19 -12.61 31.36
C TYR B 379 -62.82 -12.78 29.98
N VAL C 106 -58.38 23.82 17.29
CA VAL C 106 -57.25 23.38 16.49
C VAL C 106 -56.07 23.07 17.40
N PHE C 107 -56.13 23.60 18.62
CA PHE C 107 -55.05 23.37 19.59
C PHE C 107 -54.78 21.89 19.74
N SER C 108 -55.85 21.08 19.76
CA SER C 108 -55.66 19.62 19.69
C SER C 108 -54.85 19.25 18.47
N VAL C 109 -55.19 19.85 17.32
CA VAL C 109 -54.40 19.61 16.12
C VAL C 109 -53.00 20.19 16.27
N LEU C 110 -52.79 21.17 17.14
CA LEU C 110 -51.42 21.66 17.35
C LEU C 110 -50.58 20.64 18.14
N LEU C 111 -51.17 20.03 19.17
CA LEU C 111 -50.47 18.96 19.85
C LEU C 111 -50.19 17.80 18.89
N ILE C 112 -51.18 17.45 18.06
CA ILE C 112 -50.95 16.44 17.05
C ILE C 112 -49.93 16.93 16.01
N PHE C 113 -49.77 18.23 15.85
CA PHE C 113 -48.74 18.75 14.95
C PHE C 113 -47.35 18.52 15.52
N ILE C 114 -47.19 18.75 16.83
CA ILE C 114 -45.95 18.36 17.49
C ILE C 114 -45.72 16.87 17.32
N TYR C 115 -46.77 16.07 17.50
CA TYR C 115 -46.64 14.63 17.35
C TYR C 115 -46.24 14.26 15.93
N LEU C 116 -46.79 14.95 14.93
CA LEU C 116 -46.47 14.65 13.54
C LEU C 116 -45.04 15.06 13.20
N LEU C 117 -44.55 16.17 13.78
CA LEU C 117 -43.15 16.50 13.61
C LEU C 117 -42.28 15.41 14.22
N LEU C 118 -42.66 14.91 15.40
CA LEU C 118 -41.92 13.81 16.00
C LEU C 118 -41.93 12.58 15.10
N MET C 119 -43.09 12.27 14.51
CA MET C 119 -43.20 11.10 13.65
C MET C 119 -42.36 11.26 12.39
N ALA C 120 -42.33 12.46 11.82
CA ALA C 120 -41.49 12.71 10.65
C ALA C 120 -40.01 12.57 11.00
N VAL C 121 -39.63 13.08 12.17
CA VAL C 121 -38.24 12.90 12.63
C VAL C 121 -37.94 11.42 12.78
N ALA C 122 -38.87 10.65 13.34
CA ALA C 122 -38.67 9.22 13.50
C ALA C 122 -38.53 8.53 12.14
N VAL C 123 -39.34 8.92 11.17
CA VAL C 123 -39.27 8.33 9.83
C VAL C 123 -37.91 8.62 9.21
N PHE C 124 -37.46 9.87 9.31
CA PHE C 124 -36.15 10.23 8.78
C PHE C 124 -35.06 9.44 9.47
N LEU C 125 -35.15 9.30 10.79
CA LEU C 125 -34.14 8.54 11.53
C LEU C 125 -34.12 7.09 11.07
N VAL C 126 -35.29 6.48 10.92
CA VAL C 126 -35.35 5.07 10.54
C VAL C 126 -34.74 4.87 9.16
N TYR C 127 -35.13 5.71 8.20
CA TYR C 127 -34.60 5.53 6.84
C TYR C 127 -33.11 5.82 6.78
N ARG C 128 -32.66 6.87 7.46
CA ARG C 128 -31.23 7.17 7.47
C ARG C 128 -30.44 6.03 8.11
N THR C 129 -30.93 5.50 9.22
CA THR C 129 -30.20 4.42 9.90
C THR C 129 -30.18 3.15 9.06
N ILE C 130 -31.30 2.81 8.42
CA ILE C 130 -31.33 1.58 7.63
C ILE C 130 -30.43 1.71 6.41
N THR C 131 -30.44 2.86 5.72
CA THR C 131 -29.53 3.02 4.59
C THR C 131 -28.07 3.06 5.04
N ASP C 132 -27.81 3.66 6.21
CA ASP C 132 -26.45 3.67 6.74
C ASP C 132 -25.98 2.25 7.05
N PHE C 133 -26.83 1.44 7.65
CA PHE C 133 -26.47 0.05 7.92
C PHE C 133 -26.27 -0.72 6.62
N ARG C 134 -27.09 -0.46 5.61
CA ARG C 134 -26.91 -1.08 4.31
C ARG C 134 -25.53 -0.74 3.75
N GLU C 135 -25.14 0.53 3.80
CA GLU C 135 -23.83 0.93 3.30
C GLU C 135 -22.71 0.32 4.13
N LYS C 136 -22.88 0.26 5.45
CA LYS C 136 -21.81 -0.20 6.33
C LYS C 136 -21.64 -1.71 6.25
N LEU C 137 -22.69 -2.45 5.91
CA LEU C 137 -22.54 -3.89 5.71
C LEU C 137 -21.54 -4.17 4.61
N LYS C 138 -21.59 -3.38 3.54
CA LYS C 138 -20.59 -3.43 2.48
C LYS C 138 -19.52 -2.38 2.74
N HIS C 139 -18.56 -2.29 1.83
CA HIS C 139 -17.44 -1.35 1.93
C HIS C 139 -16.82 -1.35 3.32
N PRO C 140 -16.45 -2.52 3.86
CA PRO C 140 -15.79 -2.56 5.16
C PRO C 140 -14.42 -1.91 5.10
N VAL C 141 -14.03 -1.29 6.21
CA VAL C 141 -12.70 -0.67 6.30
C VAL C 141 -11.67 -1.73 6.69
N MET C 142 -10.40 -1.43 6.39
CA MET C 142 -9.30 -2.34 6.63
C MET C 142 -8.33 -1.74 7.63
N SER C 143 -7.64 -2.63 8.36
CA SER C 143 -6.63 -2.23 9.34
C SER C 143 -5.37 -3.04 9.10
N VAL C 144 -4.23 -2.42 9.42
CA VAL C 144 -2.92 -3.02 9.24
C VAL C 144 -2.18 -3.01 10.57
N SER C 145 -1.59 -4.15 10.92
CA SER C 145 -0.80 -4.29 12.14
C SER C 145 0.53 -4.95 11.81
N TYR C 146 1.59 -4.48 12.45
CA TYR C 146 2.93 -4.97 12.20
C TYR C 146 3.42 -5.75 13.42
N LYS C 147 3.82 -7.00 13.20
CA LYS C 147 4.36 -7.82 14.26
C LYS C 147 5.84 -8.09 14.01
N GLU C 148 6.54 -8.52 15.06
CA GLU C 148 7.96 -8.81 14.99
C GLU C 148 8.20 -10.30 15.22
N VAL C 149 9.17 -10.86 14.51
CA VAL C 149 9.49 -12.27 14.57
C VAL C 149 10.96 -12.41 14.89
N ASP C 150 11.28 -13.28 15.86
CA ASP C 150 12.67 -13.52 16.21
C ASP C 150 13.44 -14.12 15.03
N ARG C 151 12.84 -15.08 14.35
CA ARG C 151 13.45 -15.68 13.16
C ARG C 151 12.35 -16.27 12.30
N TYR C 152 12.34 -15.91 11.02
CA TYR C 152 11.30 -16.38 10.12
C TYR C 152 11.36 -17.89 9.95
N ASP C 153 10.19 -18.49 9.71
CA ASP C 153 10.14 -19.90 9.39
C ASP C 153 10.82 -20.13 8.03
N ALA C 154 11.59 -21.22 7.96
CA ALA C 154 12.35 -21.52 6.74
C ALA C 154 11.44 -21.47 5.52
N PRO C 155 11.59 -20.48 4.65
CA PRO C 155 10.74 -20.41 3.46
C PRO C 155 11.21 -21.39 2.40
N GLY C 156 10.35 -21.58 1.39
CA GLY C 156 10.68 -22.47 0.30
C GLY C 156 10.76 -21.75 -1.03
N ILE C 157 11.88 -21.95 -1.73
CA ILE C 157 12.12 -21.32 -3.03
C ILE C 157 12.08 -22.42 -4.09
N ALA C 158 11.16 -22.30 -5.04
CA ALA C 158 10.99 -23.26 -6.11
C ALA C 158 11.55 -22.63 -7.38
N LEU C 159 12.68 -23.13 -7.85
CA LEU C 159 13.28 -22.69 -9.09
C LEU C 159 12.88 -23.63 -10.24
N TYR C 160 12.91 -23.10 -11.45
CA TYR C 160 12.58 -23.86 -12.66
C TYR C 160 13.73 -23.68 -13.65
N PRO C 161 14.91 -24.19 -13.32
CA PRO C 161 16.08 -23.91 -14.16
C PRO C 161 15.94 -24.36 -15.59
N GLY C 162 15.27 -25.48 -15.84
CA GLY C 162 15.15 -26.00 -17.19
C GLY C 162 16.40 -26.78 -17.60
N GLN C 163 17.21 -26.18 -18.47
CA GLN C 163 18.42 -26.81 -18.97
C GLN C 163 19.68 -26.29 -18.28
N ALA C 164 19.53 -25.54 -17.20
CA ALA C 164 20.66 -24.95 -16.48
C ALA C 164 20.87 -25.69 -15.17
N GLN C 165 22.13 -26.03 -14.88
CA GLN C 165 22.46 -26.75 -13.66
C GLN C 165 22.96 -25.78 -12.59
N LEU C 166 22.81 -26.19 -11.34
CA LEU C 166 23.19 -25.38 -10.19
C LEU C 166 24.65 -25.63 -9.86
N LEU C 167 25.45 -24.56 -9.87
CA LEU C 167 26.88 -24.71 -9.60
C LEU C 167 27.18 -24.68 -8.12
N SER C 168 26.80 -23.59 -7.43
CA SER C 168 27.10 -23.44 -6.02
C SER C 168 25.93 -22.78 -5.30
N CYS C 169 25.56 -23.37 -4.16
CA CYS C 169 24.57 -22.82 -3.26
C CYS C 169 25.21 -22.62 -1.90
N LYS C 170 25.11 -21.41 -1.36
CA LYS C 170 25.76 -21.05 -0.10
C LYS C 170 24.76 -20.40 0.83
N HIS C 171 24.73 -20.86 2.08
CA HIS C 171 23.93 -20.25 3.13
C HIS C 171 24.85 -19.32 3.93
N HIS C 172 24.93 -18.07 3.49
CA HIS C 172 25.90 -17.13 4.06
C HIS C 172 25.24 -16.33 5.18
N TYR C 173 25.88 -16.34 6.35
CA TYR C 173 25.35 -15.58 7.48
C TYR C 173 25.64 -14.09 7.34
N GLU C 174 26.81 -13.73 6.85
CA GLU C 174 27.19 -12.33 6.73
C GLU C 174 26.37 -11.66 5.64
N VAL C 175 26.07 -10.37 5.86
CA VAL C 175 25.34 -9.59 4.86
C VAL C 175 26.18 -9.21 3.66
N ILE C 176 27.46 -9.59 3.65
CA ILE C 176 28.36 -9.31 2.53
C ILE C 176 28.86 -10.64 1.98
N PRO C 177 28.34 -11.13 0.85
CA PRO C 177 28.81 -12.39 0.32
C PRO C 177 30.27 -12.29 -0.10
N PRO C 178 31.02 -13.39 -0.02
CA PRO C 178 32.45 -13.34 -0.35
C PRO C 178 32.67 -13.39 -1.85
N LEU C 179 33.94 -13.44 -2.23
CA LEU C 179 34.31 -13.51 -3.64
C LEU C 179 33.88 -14.85 -4.23
N THR C 180 33.71 -14.87 -5.55
CA THR C 180 33.28 -16.07 -6.26
C THR C 180 34.25 -16.36 -7.39
N SER C 181 34.42 -17.65 -7.67
CA SER C 181 35.22 -18.10 -8.81
C SER C 181 34.26 -18.52 -9.92
N PRO C 182 34.13 -17.75 -11.00
CA PRO C 182 33.10 -18.08 -12.00
C PRO C 182 33.34 -19.43 -12.64
N GLY C 183 32.24 -20.12 -12.93
CA GLY C 183 32.32 -21.41 -13.59
C GLY C 183 33.11 -22.45 -12.84
N GLN C 184 33.12 -22.39 -11.51
CA GLN C 184 33.87 -23.32 -10.68
C GLN C 184 32.91 -24.12 -9.80
N PRO C 185 32.55 -25.35 -10.19
CA PRO C 185 31.62 -26.11 -9.36
C PRO C 185 32.19 -26.39 -7.98
N GLY C 186 31.28 -26.44 -6.99
CA GLY C 186 31.66 -26.69 -5.61
C GLY C 186 30.88 -25.83 -4.63
N ASP C 187 31.15 -26.00 -3.34
CA ASP C 187 30.54 -25.20 -2.29
C ASP C 187 29.02 -25.31 -2.34
N MET C 188 28.52 -26.52 -2.10
CA MET C 188 27.10 -26.81 -2.01
C MET C 188 26.79 -27.30 -0.60
N ASN C 189 26.10 -26.48 0.18
CA ASN C 189 25.73 -26.82 1.55
C ASN C 189 24.29 -26.42 1.83
N CYS C 190 23.39 -26.75 0.90
CA CYS C 190 21.97 -26.45 1.03
C CYS C 190 21.17 -27.75 0.91
N THR C 191 19.84 -27.61 0.94
CA THR C 191 18.93 -28.72 0.80
C THR C 191 18.10 -28.53 -0.46
N THR C 192 18.06 -29.56 -1.31
CA THR C 192 17.37 -29.49 -2.60
C THR C 192 16.56 -30.75 -2.83
N GLN C 193 15.36 -30.58 -3.38
CA GLN C 193 14.51 -31.70 -3.78
C GLN C 193 13.98 -31.46 -5.19
N ARG C 194 14.08 -32.48 -6.03
CA ARG C 194 13.61 -32.40 -7.41
C ARG C 194 12.20 -32.97 -7.49
N ILE C 195 11.30 -32.22 -8.13
CA ILE C 195 9.89 -32.62 -8.21
C ILE C 195 9.41 -32.51 -9.64
N ASN C 196 8.51 -33.41 -10.01
CA ASN C 196 7.81 -33.38 -11.29
C ASN C 196 6.32 -33.22 -11.01
N TYR C 197 5.77 -32.05 -11.30
CA TYR C 197 4.37 -31.77 -11.05
C TYR C 197 3.72 -31.18 -12.30
N THR C 198 2.44 -31.49 -12.48
CA THR C 198 1.69 -31.09 -13.66
C THR C 198 0.99 -29.76 -13.41
N ASP C 199 1.30 -28.77 -14.23
CA ASP C 199 0.70 -27.45 -14.05
C ASP C 199 -0.80 -27.53 -14.29
N PRO C 200 -1.62 -26.82 -13.51
CA PRO C 200 -3.07 -26.88 -13.75
C PRO C 200 -3.52 -26.14 -14.99
N PHE C 201 -2.69 -25.24 -15.52
CA PHE C 201 -3.13 -24.41 -16.65
C PHE C 201 -3.48 -25.25 -17.86
N SER C 202 -2.62 -26.22 -18.21
CA SER C 202 -2.79 -27.01 -19.41
C SER C 202 -2.90 -28.51 -19.14
N ASN C 203 -2.41 -28.99 -18.01
CA ASN C 203 -2.45 -30.41 -17.69
C ASN C 203 -1.80 -31.24 -18.79
N GLN C 204 -0.82 -30.65 -19.47
CA GLN C 204 -0.09 -31.35 -20.52
C GLN C 204 1.42 -31.16 -20.45
N THR C 205 1.92 -30.19 -19.68
CA THR C 205 3.35 -29.94 -19.55
C THR C 205 3.74 -30.13 -18.09
N VAL C 206 4.57 -31.14 -17.83
CA VAL C 206 5.07 -31.41 -16.48
C VAL C 206 6.23 -30.46 -16.23
N LYS C 207 6.07 -29.55 -15.27
CA LYS C 207 7.03 -28.48 -15.04
C LYS C 207 7.99 -28.92 -13.93
N SER C 208 9.16 -29.42 -14.33
CA SER C 208 10.15 -29.84 -13.36
C SER C 208 10.54 -28.69 -12.45
N ALA C 209 10.66 -28.96 -11.16
CA ALA C 209 10.92 -27.92 -10.17
C ALA C 209 12.04 -28.38 -9.24
N LEU C 210 12.84 -27.40 -8.80
CA LEU C 210 13.92 -27.60 -7.85
C LEU C 210 13.58 -26.81 -6.60
N ILE C 211 13.26 -27.50 -5.52
CA ILE C 211 12.79 -26.87 -4.29
C ILE C 211 13.95 -26.78 -3.33
N VAL C 212 14.15 -25.58 -2.75
CA VAL C 212 15.32 -25.26 -1.96
C VAL C 212 14.89 -24.54 -0.69
N GLN C 213 15.58 -24.85 0.41
CA GLN C 213 15.35 -24.18 1.68
C GLN C 213 15.90 -22.76 1.65
N GLY C 214 15.32 -21.90 2.48
CA GLY C 214 15.68 -20.50 2.50
C GLY C 214 16.38 -20.09 3.78
N PRO C 215 16.48 -18.77 4.00
CA PRO C 215 17.11 -18.27 5.22
C PRO C 215 16.11 -18.03 6.34
N ARG C 216 16.58 -18.26 7.57
CA ARG C 216 15.75 -18.14 8.76
C ARG C 216 16.18 -16.99 9.66
N GLU C 217 17.46 -16.92 10.03
CA GLU C 217 17.93 -15.92 10.98
C GLU C 217 17.96 -14.56 10.30
N VAL C 218 16.90 -13.78 10.50
CA VAL C 218 16.87 -12.42 9.94
C VAL C 218 17.83 -11.52 10.69
N LYS C 219 17.90 -11.65 12.03
CA LYS C 219 18.69 -10.73 12.82
C LYS C 219 20.18 -10.90 12.61
N LYS C 220 20.62 -12.01 12.03
CA LYS C 220 22.00 -12.20 11.62
C LYS C 220 22.21 -11.95 10.13
N ARG C 221 21.21 -11.40 9.46
CA ARG C 221 21.30 -11.08 8.03
C ARG C 221 21.69 -12.31 7.22
N GLU C 222 21.08 -13.45 7.55
CA GLU C 222 21.29 -14.66 6.78
C GLU C 222 20.73 -14.49 5.37
N LEU C 223 21.42 -15.07 4.40
CA LEU C 223 20.99 -14.96 3.01
C LEU C 223 21.47 -16.19 2.25
N VAL C 224 20.86 -16.41 1.09
CA VAL C 224 21.13 -17.57 0.25
C VAL C 224 21.70 -17.07 -1.07
N PHE C 225 22.83 -17.65 -1.46
CA PHE C 225 23.53 -17.28 -2.69
C PHE C 225 23.52 -18.47 -3.64
N LEU C 226 22.99 -18.28 -4.84
CA LEU C 226 22.84 -19.35 -5.82
C LEU C 226 23.49 -18.94 -7.13
N GLN C 227 24.32 -19.82 -7.69
CA GLN C 227 24.95 -19.61 -8.98
C GLN C 227 24.44 -20.65 -9.98
N PHE C 228 24.12 -20.20 -11.19
CA PHE C 228 23.57 -21.05 -12.24
C PHE C 228 24.35 -20.84 -13.54
N ARG C 229 24.56 -21.93 -14.27
CA ARG C 229 25.23 -21.90 -15.57
C ARG C 229 24.31 -22.51 -16.62
N LEU C 230 24.26 -21.90 -17.80
CA LEU C 230 23.41 -22.36 -18.89
C LEU C 230 24.17 -22.20 -20.19
N ASN C 231 24.39 -23.31 -20.89
CA ASN C 231 25.20 -23.28 -22.11
C ASN C 231 24.47 -22.54 -23.23
N LYS C 232 25.24 -21.78 -24.00
CA LYS C 232 24.65 -20.90 -25.00
C LYS C 232 23.76 -21.69 -25.95
N SER C 233 22.59 -21.14 -26.24
CA SER C 233 21.60 -21.78 -27.10
C SER C 233 21.00 -20.72 -28.03
N SER C 234 19.91 -21.08 -28.71
CA SER C 234 19.25 -20.18 -29.65
C SER C 234 18.00 -19.56 -29.05
N GLU C 235 17.93 -19.50 -27.72
CA GLU C 235 16.75 -18.92 -27.06
C GLU C 235 16.60 -17.45 -27.40
N ASP C 236 17.71 -16.71 -27.41
CA ASP C 236 17.80 -15.28 -27.64
C ASP C 236 17.35 -14.48 -26.42
N PHE C 237 16.83 -15.13 -25.38
CA PHE C 237 16.39 -14.42 -24.18
C PHE C 237 16.45 -15.41 -23.02
N SER C 238 17.41 -15.22 -22.12
CA SER C 238 17.61 -16.11 -20.99
C SER C 238 16.88 -15.56 -19.77
N ALA C 239 16.07 -16.41 -19.13
CA ALA C 239 15.34 -16.00 -17.95
C ALA C 239 15.01 -17.24 -17.12
N ILE C 240 14.92 -17.04 -15.81
CA ILE C 240 14.55 -18.09 -14.88
C ILE C 240 13.37 -17.60 -14.06
N ASP C 241 12.38 -18.46 -13.86
CA ASP C 241 11.20 -18.14 -13.08
C ASP C 241 11.22 -18.93 -11.77
N TYR C 242 10.95 -18.22 -10.67
CA TYR C 242 11.00 -18.83 -9.35
C TYR C 242 9.76 -18.43 -8.55
N LEU C 243 9.45 -19.25 -7.56
CA LEU C 243 8.26 -19.09 -6.73
C LEU C 243 8.66 -19.22 -5.26
N LEU C 244 7.87 -18.59 -4.39
CA LEU C 244 8.15 -18.62 -2.95
C LEU C 244 6.91 -19.11 -2.21
N PHE C 245 7.11 -19.92 -1.18
CA PHE C 245 6.00 -20.29 -0.30
C PHE C 245 6.48 -20.34 1.15
N SER C 246 5.49 -20.35 2.06
CA SER C 246 5.73 -19.99 3.45
C SER C 246 6.74 -20.91 4.11
N SER C 247 6.52 -22.22 4.03
CA SER C 247 7.32 -23.17 4.79
C SER C 247 7.76 -24.33 3.91
N PHE C 248 8.96 -24.83 4.18
CA PHE C 248 9.54 -25.96 3.46
C PHE C 248 9.29 -27.28 4.17
N GLN C 249 9.31 -27.28 5.50
CA GLN C 249 9.09 -28.51 6.25
C GLN C 249 7.69 -29.03 6.05
N GLU C 250 6.70 -28.12 5.96
CA GLU C 250 5.34 -28.55 5.63
C GLU C 250 5.32 -29.25 4.28
N PHE C 251 6.04 -28.72 3.30
CA PHE C 251 6.09 -29.36 1.99
C PHE C 251 6.70 -30.75 2.08
N LEU C 252 7.82 -30.87 2.80
CA LEU C 252 8.49 -32.17 2.86
C LEU C 252 7.65 -33.20 3.59
N GLN C 253 7.04 -32.82 4.72
CA GLN C 253 6.30 -33.76 5.54
C GLN C 253 4.95 -34.10 4.93
N SER C 254 4.25 -33.10 4.39
CA SER C 254 2.90 -33.32 3.88
C SER C 254 2.94 -34.22 2.65
N PRO C 255 2.27 -35.38 2.64
CA PRO C 255 2.35 -36.26 1.48
C PRO C 255 1.69 -35.64 0.26
N ASN C 256 1.78 -36.30 -0.89
CA ASN C 256 1.27 -35.78 -2.16
C ASN C 256 1.86 -34.38 -2.42
N ARG C 257 3.19 -34.33 -2.44
CA ARG C 257 3.88 -33.07 -2.69
C ARG C 257 3.38 -32.42 -3.97
N VAL C 258 3.03 -33.23 -4.96
CA VAL C 258 2.45 -32.71 -6.19
C VAL C 258 1.25 -31.84 -5.85
N GLY C 259 0.41 -32.30 -4.93
CA GLY C 259 -0.76 -31.53 -4.55
C GLY C 259 -0.41 -30.22 -3.91
N PHE C 260 0.54 -30.22 -2.97
CA PHE C 260 0.90 -29.00 -2.29
C PHE C 260 1.44 -27.96 -3.27
N MET C 261 2.32 -28.38 -4.17
CA MET C 261 2.89 -27.41 -5.10
C MET C 261 1.89 -27.01 -6.18
N GLN C 262 0.95 -27.89 -6.53
CA GLN C 262 -0.13 -27.49 -7.43
C GLN C 262 -0.96 -26.38 -6.80
N ALA C 263 -1.34 -26.56 -5.53
CA ALA C 263 -2.07 -25.51 -4.83
C ALA C 263 -1.26 -24.23 -4.75
N CYS C 264 0.04 -24.36 -4.47
CA CYS C 264 0.90 -23.20 -4.42
C CYS C 264 0.91 -22.44 -5.75
N GLU C 265 1.14 -23.16 -6.85
CA GLU C 265 1.22 -22.53 -8.16
C GLU C 265 -0.09 -21.86 -8.53
N SER C 266 -1.22 -22.54 -8.29
CA SER C 266 -2.50 -21.95 -8.60
C SER C 266 -2.77 -20.72 -7.75
N ALA C 267 -2.35 -20.75 -6.49
CA ALA C 267 -2.65 -19.65 -5.58
C ALA C 267 -1.68 -18.48 -5.76
N TYR C 268 -0.40 -18.71 -5.53
CA TYR C 268 0.58 -17.63 -5.56
C TYR C 268 0.94 -17.29 -7.00
N SER C 269 1.90 -16.36 -7.15
CA SER C 269 2.36 -15.89 -8.44
C SER C 269 3.87 -16.02 -8.51
N SER C 270 4.39 -16.13 -9.73
CA SER C 270 5.82 -16.28 -9.98
C SER C 270 6.34 -15.07 -10.73
N TRP C 271 7.49 -14.57 -10.29
CA TRP C 271 8.16 -13.44 -10.92
C TRP C 271 9.58 -13.87 -11.28
N LYS C 272 9.90 -13.81 -12.57
CA LYS C 272 11.17 -14.33 -13.05
C LYS C 272 12.31 -13.34 -12.80
N PHE C 273 13.50 -13.88 -12.56
CA PHE C 273 14.72 -13.09 -12.47
C PHE C 273 15.56 -13.32 -13.72
N SER C 274 16.36 -12.32 -14.06
CA SER C 274 17.03 -12.28 -15.35
C SER C 274 18.33 -13.08 -15.31
N GLY C 275 19.07 -13.03 -16.40
CA GLY C 275 20.36 -13.68 -16.49
C GLY C 275 21.41 -12.74 -17.03
N GLY C 276 22.65 -12.99 -16.62
CA GLY C 276 23.78 -12.16 -16.98
C GLY C 276 24.22 -11.20 -15.90
N PHE C 277 23.38 -10.96 -14.90
CA PHE C 277 23.77 -10.14 -13.76
C PHE C 277 22.99 -10.60 -12.53
N ARG C 278 23.65 -10.52 -11.38
CA ARG C 278 23.06 -11.02 -10.14
C ARG C 278 21.83 -10.20 -9.76
N THR C 279 20.90 -10.85 -9.07
CA THR C 279 19.68 -10.19 -8.61
C THR C 279 19.54 -10.36 -7.10
N TRP C 280 19.38 -9.24 -6.40
CA TRP C 280 19.15 -9.24 -4.96
C TRP C 280 17.65 -9.17 -4.70
N VAL C 281 17.15 -10.09 -3.87
CA VAL C 281 15.72 -10.21 -3.59
C VAL C 281 15.52 -10.13 -2.08
N LYS C 282 14.59 -9.27 -1.66
CA LYS C 282 14.25 -9.09 -0.25
C LYS C 282 12.79 -9.46 -0.08
N MET C 283 12.51 -10.40 0.81
CA MET C 283 11.17 -10.94 0.97
C MET C 283 10.44 -10.26 2.13
N SER C 284 9.11 -10.24 2.02
CA SER C 284 8.26 -9.73 3.08
C SER C 284 6.96 -10.53 3.09
N LEU C 285 6.43 -10.73 4.29
CA LEU C 285 5.27 -11.60 4.51
C LEU C 285 4.06 -10.76 4.93
N VAL C 286 2.93 -10.98 4.27
CA VAL C 286 1.68 -10.32 4.60
C VAL C 286 0.62 -11.39 4.85
N LYS C 287 -0.06 -11.30 5.98
CA LYS C 287 -1.09 -12.26 6.38
C LYS C 287 -2.44 -11.57 6.37
N THR C 288 -3.41 -12.18 5.69
CA THR C 288 -4.75 -11.63 5.56
C THR C 288 -5.78 -12.63 6.03
N LYS C 289 -6.80 -12.15 6.73
CA LYS C 289 -7.86 -12.99 7.26
C LYS C 289 -9.17 -12.65 6.57
N GLU C 290 -9.86 -13.66 6.07
CA GLU C 290 -11.14 -13.49 5.40
C GLU C 290 -12.27 -13.89 6.35
N GLU C 291 -13.49 -13.87 5.81
CA GLU C 291 -14.67 -14.18 6.63
C GLU C 291 -14.62 -15.61 7.17
N ASP C 292 -13.90 -16.51 6.51
CA ASP C 292 -13.81 -17.90 6.95
C ASP C 292 -12.72 -18.13 7.98
N GLY C 293 -12.04 -17.08 8.42
CA GLY C 293 -11.01 -17.22 9.44
C GLY C 293 -9.80 -18.00 9.02
N ARG C 294 -9.30 -17.77 7.80
CA ARG C 294 -8.07 -18.38 7.32
C ARG C 294 -7.00 -17.30 7.19
N GLU C 295 -5.84 -17.55 7.82
CA GLU C 295 -4.72 -16.62 7.75
C GLU C 295 -3.91 -16.93 6.50
N ALA C 296 -4.38 -16.40 5.37
CA ALA C 296 -3.70 -16.61 4.10
C ALA C 296 -2.41 -15.79 4.08
N VAL C 297 -1.31 -16.44 3.69
CA VAL C 297 0.01 -15.84 3.68
C VAL C 297 0.37 -15.51 2.23
N GLU C 298 0.89 -14.31 2.01
CA GLU C 298 1.33 -13.88 0.69
C GLU C 298 2.71 -13.24 0.80
N PHE C 299 3.48 -13.36 -0.28
CA PHE C 299 4.85 -12.88 -0.34
C PHE C 299 4.93 -11.62 -1.18
N ARG C 300 5.81 -10.70 -0.78
CA ARG C 300 6.12 -9.52 -1.58
C ARG C 300 7.64 -9.38 -1.65
N GLN C 301 8.12 -8.83 -2.76
CA GLN C 301 9.55 -8.71 -2.95
C GLN C 301 9.86 -7.45 -3.74
N GLU C 302 10.97 -6.79 -3.41
CA GLU C 302 11.48 -5.64 -4.14
C GLU C 302 12.88 -6.01 -4.65
N THR C 303 13.05 -5.98 -5.95
CA THR C 303 14.29 -6.44 -6.57
C THR C 303 15.26 -5.29 -6.78
N SER C 304 16.56 -5.62 -6.78
CA SER C 304 17.61 -4.64 -7.02
C SER C 304 18.74 -5.36 -7.74
N VAL C 305 18.77 -5.25 -9.06
CA VAL C 305 19.74 -5.97 -9.88
C VAL C 305 21.10 -5.29 -9.77
N VAL C 306 22.15 -6.10 -9.69
CA VAL C 306 23.53 -5.62 -9.66
C VAL C 306 24.26 -6.26 -10.83
N ASN C 307 24.94 -5.44 -11.63
CA ASN C 307 25.58 -5.94 -12.84
C ASN C 307 26.74 -6.86 -12.51
N TYR C 308 27.06 -7.73 -13.46
CA TYR C 308 28.15 -8.70 -13.33
C TYR C 308 29.26 -8.35 -14.31
N ILE C 309 30.50 -8.41 -13.84
CA ILE C 309 31.66 -7.98 -14.60
C ILE C 309 32.32 -9.19 -15.24
N ASP C 310 32.53 -9.12 -16.55
CA ASP C 310 33.16 -10.19 -17.31
C ASP C 310 34.68 -10.15 -17.23
N GLN C 311 35.25 -9.12 -16.59
CA GLN C 311 36.69 -9.01 -16.49
C GLN C 311 37.30 -10.21 -15.76
N ARG C 312 36.64 -10.65 -14.69
CA ARG C 312 37.18 -11.77 -13.92
C ARG C 312 37.36 -13.02 -14.76
N PRO C 313 36.35 -13.50 -15.50
CA PRO C 313 36.58 -14.65 -16.40
C PRO C 313 37.70 -14.41 -17.39
N ALA C 314 37.60 -13.33 -18.17
CA ALA C 314 38.61 -13.01 -19.18
C ALA C 314 38.83 -14.19 -20.13
N ALA C 315 37.73 -14.81 -20.53
CA ALA C 315 37.78 -15.98 -21.41
C ALA C 315 36.81 -15.78 -22.57
N LYS C 316 36.90 -16.68 -23.55
CA LYS C 316 36.08 -16.65 -24.74
C LYS C 316 34.91 -17.63 -24.67
N LYS C 317 34.63 -18.19 -23.49
CA LYS C 317 33.54 -19.16 -23.38
C LYS C 317 32.21 -18.56 -23.81
N SER C 318 31.91 -17.35 -23.36
CA SER C 318 30.65 -16.68 -23.70
C SER C 318 29.46 -17.53 -23.28
N ALA C 319 29.53 -18.09 -22.07
CA ALA C 319 28.46 -18.89 -21.51
C ALA C 319 27.72 -18.07 -20.46
N GLN C 320 26.40 -17.97 -20.61
CA GLN C 320 25.61 -17.14 -19.71
C GLN C 320 25.65 -17.70 -18.30
N LEU C 321 25.71 -16.80 -17.32
CA LEU C 321 25.70 -17.15 -15.91
C LEU C 321 24.65 -16.32 -15.19
N PHE C 322 23.97 -16.95 -14.22
CA PHE C 322 22.97 -16.29 -13.40
C PHE C 322 23.40 -16.35 -11.94
N PHE C 323 23.09 -15.30 -11.20
CA PHE C 323 23.34 -15.28 -9.77
C PHE C 323 22.14 -14.69 -9.04
N VAL C 324 21.74 -15.34 -7.95
CA VAL C 324 20.59 -14.92 -7.17
C VAL C 324 20.99 -14.82 -5.71
N VAL C 325 20.53 -13.77 -5.05
CA VAL C 325 20.69 -13.61 -3.60
C VAL C 325 19.31 -13.43 -3.01
N PHE C 326 18.99 -14.25 -2.01
CA PHE C 326 17.71 -14.23 -1.33
C PHE C 326 17.92 -13.81 0.12
N GLU C 327 17.12 -12.85 0.58
CA GLU C 327 17.30 -12.30 1.92
C GLU C 327 15.95 -11.82 2.44
N TRP C 328 15.88 -11.69 3.77
CA TRP C 328 14.67 -11.20 4.42
C TRP C 328 14.78 -9.70 4.64
N LYS C 329 13.78 -8.95 4.16
CA LYS C 329 13.86 -7.50 4.18
C LYS C 329 13.96 -6.98 5.61
N ASP C 330 12.93 -7.21 6.41
CA ASP C 330 12.89 -6.78 7.80
C ASP C 330 12.13 -7.81 8.60
N PRO C 331 12.39 -7.91 9.91
CA PRO C 331 11.65 -8.87 10.73
C PRO C 331 10.16 -8.60 10.78
N PHE C 332 9.71 -7.40 10.43
CA PHE C 332 8.31 -7.05 10.56
C PHE C 332 7.46 -7.84 9.58
N ILE C 333 6.38 -8.43 10.10
CA ILE C 333 5.37 -9.12 9.30
C ILE C 333 4.12 -8.25 9.27
N GLN C 334 3.54 -8.09 8.09
CA GLN C 334 2.33 -7.30 7.93
C GLN C 334 1.11 -8.18 8.14
N LYS C 335 0.07 -7.61 8.73
CA LYS C 335 -1.19 -8.32 8.94
C LYS C 335 -2.32 -7.37 8.61
N VAL C 336 -3.09 -7.71 7.57
CA VAL C 336 -4.20 -6.89 7.10
C VAL C 336 -5.50 -7.59 7.48
N GLN C 337 -6.39 -6.88 8.15
CA GLN C 337 -7.69 -7.40 8.54
C GLN C 337 -8.77 -6.50 7.97
N ASP C 338 -9.70 -7.11 7.22
CA ASP C 338 -10.83 -6.39 6.66
C ASP C 338 -11.88 -6.24 7.76
N ILE C 339 -11.62 -5.31 8.67
CA ILE C 339 -12.48 -5.15 9.84
C ILE C 339 -13.86 -4.69 9.41
N VAL C 340 -14.86 -5.01 10.24
CA VAL C 340 -16.25 -4.68 10.00
C VAL C 340 -16.75 -3.84 11.17
N THR C 341 -17.39 -2.72 10.86
CA THR C 341 -17.89 -1.78 11.87
C THR C 341 -19.41 -1.69 11.87
N ALA C 342 -20.10 -2.75 11.44
CA ALA C 342 -21.56 -2.79 11.40
C ALA C 342 -22.03 -3.79 12.46
N ASN C 343 -22.44 -3.29 13.62
CA ASN C 343 -22.91 -4.14 14.70
C ASN C 343 -24.43 -4.03 14.78
N PRO C 344 -25.18 -5.07 14.40
CA PRO C 344 -26.65 -4.94 14.43
C PRO C 344 -27.21 -4.64 15.80
N TRP C 345 -26.64 -5.24 16.85
CA TRP C 345 -27.21 -5.05 18.19
C TRP C 345 -27.06 -3.61 18.65
N ASN C 346 -25.87 -3.02 18.46
CA ASN C 346 -25.68 -1.63 18.87
C ASN C 346 -26.60 -0.69 18.09
N THR C 347 -26.75 -0.93 16.78
CA THR C 347 -27.61 -0.09 15.98
C THR C 347 -29.08 -0.21 16.42
N ILE C 348 -29.53 -1.43 16.72
CA ILE C 348 -30.90 -1.60 17.19
C ILE C 348 -31.09 -0.93 18.55
N ALA C 349 -30.10 -1.06 19.44
CA ALA C 349 -30.19 -0.40 20.74
C ALA C 349 -30.28 1.10 20.58
N LEU C 350 -29.45 1.68 19.71
CA LEU C 350 -29.51 3.12 19.50
C LEU C 350 -30.82 3.54 18.85
N LEU C 351 -31.36 2.72 17.96
CA LEU C 351 -32.65 3.03 17.34
C LEU C 351 -33.75 3.07 18.39
N CYS C 352 -33.80 2.06 19.26
CA CYS C 352 -34.79 2.05 20.32
C CYS C 352 -34.59 3.22 21.27
N GLY C 353 -33.34 3.53 21.61
CA GLY C 353 -33.06 4.66 22.46
C GLY C 353 -33.52 5.97 21.84
N ALA C 354 -33.33 6.11 20.53
CA ALA C 354 -33.76 7.32 19.84
C ALA C 354 -35.28 7.41 19.79
N PHE C 355 -35.95 6.29 19.57
CA PHE C 355 -37.41 6.29 19.59
C PHE C 355 -37.93 6.74 20.96
N LEU C 356 -37.40 6.16 22.03
CA LEU C 356 -37.88 6.51 23.36
C LEU C 356 -37.44 7.93 23.73
N ALA C 357 -36.30 8.39 23.21
CA ALA C 357 -35.91 9.77 23.39
C ALA C 357 -36.89 10.72 22.72
N LEU C 358 -37.35 10.36 21.52
CA LEU C 358 -38.38 11.14 20.86
C LEU C 358 -39.65 11.16 21.70
N PHE C 359 -40.05 10.01 22.23
CA PHE C 359 -41.28 9.95 23.01
C PHE C 359 -41.17 10.76 24.31
N LYS C 360 -40.00 10.71 24.97
CA LYS C 360 -39.85 11.43 26.22
C LYS C 360 -39.67 12.93 25.99
N ALA C 361 -39.00 13.31 24.90
CA ALA C 361 -38.98 14.72 24.53
C ALA C 361 -40.38 15.20 24.18
N ALA C 362 -41.20 14.32 23.59
CA ALA C 362 -42.59 14.68 23.35
C ALA C 362 -43.35 14.83 24.66
N GLU C 363 -43.02 14.03 25.67
CA GLU C 363 -43.61 14.22 26.99
C GLU C 363 -43.19 15.55 27.60
N PHE C 364 -41.91 15.92 27.43
CA PHE C 364 -41.44 17.21 27.92
C PHE C 364 -42.17 18.34 27.19
N ALA C 365 -42.34 18.21 25.87
CA ALA C 365 -43.09 19.20 25.12
C ALA C 365 -44.56 19.22 25.51
N LYS C 366 -45.10 18.07 25.94
CA LYS C 366 -46.48 18.04 26.41
C LYS C 366 -46.61 18.74 27.75
N LEU C 367 -45.61 18.61 28.62
CA LEU C 367 -45.61 19.38 29.86
C LEU C 367 -45.50 20.87 29.57
N SER C 368 -44.64 21.24 28.62
CA SER C 368 -44.55 22.64 28.21
C SER C 368 -45.88 23.10 27.60
N ILE C 369 -46.57 22.22 26.88
CA ILE C 369 -47.85 22.59 26.29
C ILE C 369 -48.92 22.71 27.36
N LYS C 370 -48.80 21.96 28.45
CA LYS C 370 -49.68 22.18 29.59
C LYS C 370 -49.38 23.54 30.23
N TRP C 371 -48.11 23.90 30.32
CA TRP C 371 -47.76 25.25 30.73
C TRP C 371 -48.42 26.28 29.81
N MET C 372 -48.41 26.01 28.50
CA MET C 372 -49.01 26.94 27.55
C MET C 372 -50.52 26.96 27.66
N ILE C 373 -51.14 25.82 28.03
CA ILE C 373 -52.56 25.81 28.31
C ILE C 373 -52.86 26.70 29.50
N LYS C 374 -52.03 26.60 30.55
CA LYS C 374 -52.15 27.53 31.67
C LYS C 374 -52.00 28.97 31.19
N ILE C 375 -51.05 29.20 30.28
CA ILE C 375 -50.85 30.54 29.73
C ILE C 375 -52.14 31.02 29.09
N ARG C 376 -52.73 30.21 28.22
CA ARG C 376 -54.00 30.57 27.59
C ARG C 376 -55.05 30.88 28.65
N LYS C 377 -55.11 30.05 29.69
CA LYS C 377 -56.09 30.28 30.75
C LYS C 377 -55.84 31.61 31.45
N ARG C 378 -54.59 32.09 31.46
CA ARG C 378 -54.33 33.43 31.99
C ARG C 378 -54.91 34.49 31.08
N TYR C 379 -54.81 34.30 29.77
CA TYR C 379 -55.23 35.29 28.80
C TYR C 379 -56.73 35.23 28.57
#